data_4E2G
#
_entry.id   4E2G
#
_cell.length_a   193.710
_cell.length_b   52.623
_cell.length_c   108.818
_cell.angle_alpha   90.000
_cell.angle_beta   91.240
_cell.angle_gamma   90.000
#
_symmetry.space_group_name_H-M   'C 1 2 1'
#
loop_
_entity.id
_entity.type
_entity.pdbx_description
1 polymer 'Cupin 2 conserved barrel domain protein'
2 non-polymer 'NICKEL (II) ION'
3 non-polymer 'POTASSIUM ION'
4 non-polymer 'ACETATE ION'
5 water water
#
_entity_poly.entity_id   1
_entity_poly.type   'polypeptide(L)'
_entity_poly.pdbx_seq_one_letter_code
;SNA(MSE)STGEQREFAPAFYDLTEVRSFSPLPGFA(MSE)QAIQGKNL(MSE)LNWVRIEPNTE(MSE)PAHEHPHEQA
GV(MSE)LEGTLELTIGEETRVLRPG(MSE)AYTIPGGVRHRARTFEDGCLVLDIFSPPREDYAR(MSE)AEDA
;
_entity_poly.pdbx_strand_id   A,B,C,D,E,F,G,H
#
loop_
_chem_comp.id
_chem_comp.type
_chem_comp.name
_chem_comp.formula
ACT non-polymer 'ACETATE ION' 'C2 H3 O2 -1'
K non-polymer 'POTASSIUM ION' 'K 1'
NI non-polymer 'NICKEL (II) ION' 'Ni 2'
#
# COMPACT_ATOMS: atom_id res chain seq x y z
N PHE A 12 -24.29 0.92 38.70
CA PHE A 12 -23.28 0.29 39.60
C PHE A 12 -22.65 1.32 40.54
N ALA A 13 -21.76 0.84 41.42
CA ALA A 13 -21.02 1.73 42.34
C ALA A 13 -19.59 1.94 41.84
N PRO A 14 -19.05 3.16 42.04
CA PRO A 14 -17.63 3.40 41.70
C PRO A 14 -16.74 2.41 42.41
N ALA A 15 -15.73 1.90 41.70
CA ALA A 15 -14.82 0.92 42.28
C ALA A 15 -13.39 1.17 41.86
N PHE A 16 -12.47 0.90 42.77
CA PHE A 16 -11.05 1.01 42.53
C PHE A 16 -10.44 -0.38 42.65
N TYR A 17 -9.48 -0.68 41.78
CA TYR A 17 -8.91 -2.02 41.71
C TYR A 17 -7.40 -1.97 41.76
N ASP A 18 -6.84 -2.90 42.52
CA ASP A 18 -5.42 -3.15 42.51
C ASP A 18 -5.28 -4.49 41.79
N LEU A 19 -4.56 -4.48 40.65
CA LEU A 19 -4.43 -5.70 39.83
C LEU A 19 -3.79 -6.89 40.54
N THR A 20 -2.94 -6.63 41.52
CA THR A 20 -2.35 -7.71 42.31
C THR A 20 -3.39 -8.45 43.14
N GLU A 21 -4.57 -7.86 43.30
CA GLU A 21 -5.64 -8.46 44.10
C GLU A 21 -6.77 -9.04 43.24
N VAL A 22 -6.75 -8.77 41.93
CA VAL A 22 -7.77 -9.30 41.04
C VAL A 22 -7.39 -10.72 40.64
N ARG A 23 -8.26 -11.67 40.95
CA ARG A 23 -7.96 -13.08 40.73
C ARG A 23 -7.95 -13.45 39.25
N SER A 24 -7.13 -14.44 38.90
CA SER A 24 -6.87 -14.83 37.53
C SER A 24 -7.72 -16.02 37.14
N PHE A 25 -8.09 -16.09 35.87
CA PHE A 25 -8.77 -17.28 35.34
C PHE A 25 -8.21 -17.61 33.96
N SER A 26 -8.48 -18.82 33.50
CA SER A 26 -7.96 -19.26 32.21
C SER A 26 -9.04 -19.93 31.38
N PRO A 27 -9.46 -19.28 30.28
CA PRO A 27 -10.53 -19.88 29.47
C PRO A 27 -10.02 -21.00 28.56
N LEU A 28 -8.70 -21.12 28.43
CA LEU A 28 -8.05 -21.98 27.45
C LEU A 28 -6.56 -22.04 27.81
N PRO A 29 -5.92 -23.22 27.69
CA PRO A 29 -4.47 -23.29 27.96
C PRO A 29 -3.66 -22.21 27.23
N GLY A 30 -2.69 -21.62 27.92
CA GLY A 30 -1.86 -20.55 27.35
C GLY A 30 -2.39 -19.14 27.57
N PHE A 31 -3.59 -19.03 28.15
CA PHE A 31 -4.22 -17.74 28.43
C PHE A 31 -4.48 -17.58 29.92
N ALA A 32 -4.04 -16.45 30.46
CA ALA A 32 -4.35 -16.11 31.84
C ALA A 32 -4.94 -14.71 31.84
N MSE A 33 -6.12 -14.58 32.46
CA MSE A 33 -6.93 -13.37 32.38
C MSE A 33 -7.31 -12.81 33.74
O MSE A 33 -7.52 -13.57 34.69
CB MSE A 33 -8.22 -13.66 31.60
CG MSE A 33 -8.00 -14.04 30.16
SE MSE A 33 -9.66 -14.21 29.17
CE MSE A 33 -8.90 -14.43 27.39
N GLN A 34 -7.41 -11.49 33.82
CA GLN A 34 -8.03 -10.80 34.95
C GLN A 34 -9.04 -9.81 34.38
N ALA A 35 -10.30 -9.96 34.78
CA ALA A 35 -11.34 -9.08 34.25
C ALA A 35 -12.07 -8.31 35.35
N ILE A 36 -12.40 -7.05 35.04
CA ILE A 36 -13.24 -6.22 35.90
C ILE A 36 -14.28 -5.56 35.01
N GLN A 37 -15.40 -5.13 35.58
CA GLN A 37 -16.42 -4.47 34.78
C GLN A 37 -17.19 -3.42 35.55
N GLY A 38 -17.65 -2.40 34.83
CA GLY A 38 -18.63 -1.46 35.36
C GLY A 38 -20.00 -1.99 35.04
N LYS A 39 -20.68 -1.36 34.08
CA LYS A 39 -21.92 -1.90 33.53
C LYS A 39 -21.79 -2.10 32.03
N ASN A 40 -21.43 -1.03 31.32
CA ASN A 40 -21.22 -1.06 29.87
C ASN A 40 -19.79 -1.45 29.46
N LEU A 41 -18.85 -1.37 30.42
CA LEU A 41 -17.43 -1.57 30.12
C LEU A 41 -16.84 -2.75 30.86
N MSE A 42 -16.05 -3.54 30.15
CA MSE A 42 -15.23 -4.58 30.77
C MSE A 42 -13.79 -4.35 30.40
O MSE A 42 -13.48 -4.06 29.23
CB MSE A 42 -15.66 -5.98 30.31
CG MSE A 42 -14.61 -7.05 30.58
SE MSE A 42 -15.16 -8.84 30.08
CE MSE A 42 -16.13 -9.33 31.70
N LEU A 43 -12.90 -4.47 31.38
CA LEU A 43 -11.45 -4.39 31.15
C LEU A 43 -10.88 -5.74 31.48
N ASN A 44 -10.07 -6.27 30.56
CA ASN A 44 -9.58 -7.64 30.63
C ASN A 44 -8.08 -7.68 30.32
N TRP A 45 -7.25 -7.93 31.35
CA TRP A 45 -5.80 -8.08 31.16
C TRP A 45 -5.50 -9.50 30.78
N VAL A 46 -4.97 -9.69 29.57
CA VAL A 46 -4.77 -11.03 29.01
C VAL A 46 -3.28 -11.31 28.83
N ARG A 47 -2.75 -12.26 29.60
CA ARG A 47 -1.37 -12.72 29.38
C ARG A 47 -1.39 -13.98 28.52
N ILE A 48 -0.73 -13.91 27.37
CA ILE A 48 -0.71 -15.02 26.42
C ILE A 48 0.70 -15.59 26.33
N GLU A 49 0.79 -16.91 26.47
N GLU A 49 0.80 -16.91 26.48
CA GLU A 49 2.06 -17.63 26.40
CA GLU A 49 2.06 -17.64 26.42
C GLU A 49 2.71 -17.50 25.03
C GLU A 49 2.70 -17.52 25.04
N PRO A 50 4.04 -17.73 24.95
CA PRO A 50 4.72 -17.76 23.67
C PRO A 50 4.13 -18.80 22.72
N ASN A 51 4.18 -18.50 21.43
CA ASN A 51 3.80 -19.43 20.35
C ASN A 51 2.42 -20.04 20.55
N THR A 52 1.45 -19.20 20.88
CA THR A 52 0.10 -19.62 21.18
C THR A 52 -0.86 -18.99 20.17
N GLU A 53 -1.82 -19.79 19.74
CA GLU A 53 -2.84 -19.34 18.78
C GLU A 53 -4.16 -19.04 19.45
N MSE A 54 -4.77 -17.91 19.10
N MSE A 54 -4.74 -17.88 19.11
N MSE A 54 -4.78 -17.92 19.09
CA MSE A 54 -6.17 -17.66 19.46
CA MSE A 54 -6.15 -17.62 19.31
CA MSE A 54 -6.17 -17.64 19.46
C MSE A 54 -7.02 -17.99 18.24
C MSE A 54 -6.87 -18.16 18.10
C MSE A 54 -7.02 -17.99 18.24
O MSE A 54 -6.94 -17.27 17.24
O MSE A 54 -6.57 -17.76 16.98
O MSE A 54 -6.96 -17.26 17.24
CB MSE A 54 -6.40 -16.22 19.89
CB MSE A 54 -6.44 -16.13 19.39
CB MSE A 54 -6.34 -16.16 19.82
CG MSE A 54 -7.85 -15.94 20.30
CG MSE A 54 -6.36 -15.56 20.77
CG MSE A 54 -7.11 -15.88 21.12
SE MSE A 54 -8.22 -14.13 20.90
SE MSE A 54 -4.75 -14.53 20.95
SE MSE A 54 -8.91 -16.62 21.29
CE MSE A 54 -8.22 -13.22 19.17
CE MSE A 54 -3.40 -15.89 20.59
CE MSE A 54 -9.18 -16.36 23.19
N PRO A 55 -7.81 -19.07 18.31
CA PRO A 55 -8.67 -19.50 17.20
C PRO A 55 -9.62 -18.38 16.75
N ALA A 56 -9.95 -18.35 15.46
CA ALA A 56 -10.82 -17.32 14.90
C ALA A 56 -12.21 -17.31 15.53
N HIS A 57 -12.66 -16.12 15.92
N HIS A 57 -12.67 -16.11 15.89
CA HIS A 57 -13.98 -15.93 16.54
CA HIS A 57 -13.97 -15.91 16.51
C HIS A 57 -14.58 -14.61 16.12
C HIS A 57 -14.59 -14.62 16.10
N GLU A 58 -15.89 -14.49 16.36
CA GLU A 58 -16.62 -13.25 16.17
C GLU A 58 -17.50 -13.16 17.40
N HIS A 59 -17.80 -11.95 17.86
CA HIS A 59 -18.69 -11.73 19.01
C HIS A 59 -19.52 -10.49 18.75
N PRO A 60 -20.75 -10.43 19.28
CA PRO A 60 -21.57 -9.23 19.09
C PRO A 60 -21.05 -8.03 19.87
N HIS A 61 -20.26 -8.27 20.92
CA HIS A 61 -19.64 -7.21 21.73
C HIS A 61 -18.61 -6.46 20.94
N GLU A 62 -18.53 -5.14 21.15
CA GLU A 62 -17.45 -4.37 20.55
C GLU A 62 -16.19 -4.62 21.36
N GLN A 63 -15.05 -4.66 20.68
CA GLN A 63 -13.77 -4.89 21.35
C GLN A 63 -12.78 -3.79 20.97
N ALA A 64 -11.92 -3.46 21.93
CA ALA A 64 -10.71 -2.70 21.64
C ALA A 64 -9.58 -3.33 22.45
N GLY A 65 -8.34 -3.03 22.09
CA GLY A 65 -7.20 -3.62 22.76
C GLY A 65 -6.01 -2.69 22.79
N VAL A 66 -5.23 -2.79 23.86
CA VAL A 66 -4.05 -1.96 24.05
C VAL A 66 -2.89 -2.89 24.45
N MSE A 67 -1.83 -2.91 23.64
CA MSE A 67 -0.65 -3.70 23.92
C MSE A 67 0.07 -3.17 25.16
O MSE A 67 0.30 -1.96 25.27
CB MSE A 67 0.31 -3.69 22.73
CG MSE A 67 -0.23 -4.40 21.51
SE MSE A 67 -0.68 -6.27 21.84
CE MSE A 67 1.13 -6.93 22.21
N LEU A 68 0.42 -4.06 26.08
CA LEU A 68 1.15 -3.67 27.29
C LEU A 68 2.59 -4.21 27.28
N GLU A 69 2.76 -5.48 26.94
CA GLU A 69 4.08 -6.12 26.84
C GLU A 69 4.10 -7.10 25.67
N GLY A 70 5.28 -7.33 25.12
CA GLY A 70 5.46 -8.37 24.11
C GLY A 70 4.93 -8.06 22.72
N THR A 71 4.54 -9.11 22.01
CA THR A 71 4.23 -9.01 20.59
C THR A 71 2.99 -9.84 20.27
N LEU A 72 2.08 -9.30 19.46
CA LEU A 72 0.88 -10.02 19.07
C LEU A 72 0.60 -9.80 17.59
N GLU A 73 0.48 -10.88 16.83
CA GLU A 73 0.01 -10.78 15.46
C GLU A 73 -1.51 -10.87 15.47
N LEU A 74 -2.17 -9.80 15.04
CA LEU A 74 -3.63 -9.78 15.02
C LEU A 74 -4.19 -9.64 13.61
N THR A 75 -5.15 -10.50 13.29
CA THR A 75 -5.86 -10.41 12.03
C THR A 75 -7.29 -9.95 12.31
N ILE A 76 -7.68 -8.81 11.74
CA ILE A 76 -9.09 -8.36 11.82
C ILE A 76 -9.67 -8.31 10.42
N GLY A 77 -10.77 -9.04 10.22
CA GLY A 77 -11.34 -9.22 8.89
C GLY A 77 -10.26 -9.58 7.88
N GLU A 78 -9.97 -8.64 6.98
CA GLU A 78 -9.01 -8.85 5.89
C GLU A 78 -7.56 -8.49 6.22
N GLU A 79 -7.35 -7.65 7.23
CA GLU A 79 -6.02 -7.11 7.51
C GLU A 79 -5.28 -7.83 8.66
N THR A 80 -3.98 -8.04 8.46
CA THR A 80 -3.09 -8.62 9.46
C THR A 80 -2.01 -7.61 9.84
N ARG A 81 -1.83 -7.39 11.15
CA ARG A 81 -0.76 -6.53 11.65
C ARG A 81 -0.09 -7.15 12.87
N VAL A 82 1.19 -6.84 13.03
CA VAL A 82 1.95 -7.24 14.22
C VAL A 82 1.94 -6.06 15.20
N LEU A 83 1.44 -6.30 16.41
CA LEU A 83 1.28 -5.22 17.39
C LEU A 83 2.26 -5.36 18.55
N ARG A 84 2.74 -4.22 19.03
CA ARG A 84 3.70 -4.13 20.14
C ARG A 84 3.29 -2.97 21.04
N PRO A 85 3.86 -2.87 22.26
CA PRO A 85 3.46 -1.75 23.14
C PRO A 85 3.65 -0.40 22.46
N GLY A 86 2.65 0.47 22.62
CA GLY A 86 2.57 1.72 21.87
C GLY A 86 1.43 1.65 20.85
N MSE A 87 0.93 0.43 20.60
CA MSE A 87 -0.13 0.24 19.61
C MSE A 87 -1.47 -0.25 20.20
O MSE A 87 -1.51 -0.75 21.33
CB MSE A 87 0.35 -0.69 18.48
CG MSE A 87 1.56 -0.14 17.71
SE MSE A 87 2.22 -1.40 16.39
CE MSE A 87 0.92 -1.08 14.96
N ALA A 88 -2.54 -0.08 19.43
CA ALA A 88 -3.90 -0.40 19.86
C ALA A 88 -4.74 -0.88 18.67
N TYR A 89 -5.90 -1.46 18.94
CA TYR A 89 -6.79 -1.92 17.87
C TYR A 89 -8.26 -1.80 18.26
N THR A 90 -9.12 -1.74 17.24
CA THR A 90 -10.58 -1.71 17.46
C THR A 90 -11.25 -2.75 16.55
N ILE A 91 -12.17 -3.52 17.12
CA ILE A 91 -12.92 -4.56 16.41
C ILE A 91 -14.43 -4.34 16.57
N PRO A 92 -15.13 -3.97 15.47
CA PRO A 92 -16.58 -3.82 15.56
C PRO A 92 -17.25 -5.15 15.91
N GLY A 93 -18.44 -5.07 16.51
CA GLY A 93 -19.24 -6.26 16.79
C GLY A 93 -19.46 -7.05 15.52
N GLY A 94 -19.29 -8.36 15.60
CA GLY A 94 -19.56 -9.26 14.48
C GLY A 94 -18.40 -9.51 13.52
N VAL A 95 -17.33 -8.73 13.65
CA VAL A 95 -16.18 -8.84 12.74
C VAL A 95 -15.24 -9.98 13.16
N ARG A 96 -14.88 -10.83 12.21
CA ARG A 96 -14.07 -12.00 12.49
C ARG A 96 -12.61 -11.62 12.74
N HIS A 97 -12.00 -12.27 13.74
CA HIS A 97 -10.60 -12.00 14.08
C HIS A 97 -9.93 -13.19 14.69
N ARG A 98 -8.61 -13.27 14.55
CA ARG A 98 -7.79 -14.31 15.17
C ARG A 98 -6.42 -13.71 15.48
N ALA A 99 -5.65 -14.40 16.32
CA ALA A 99 -4.35 -13.88 16.72
C ALA A 99 -3.34 -14.99 17.07
N ARG A 100 -2.07 -14.64 17.04
CA ARG A 100 -1.02 -15.55 17.50
C ARG A 100 0.14 -14.76 18.09
N THR A 101 0.85 -15.39 19.02
CA THR A 101 2.04 -14.82 19.62
C THR A 101 3.29 -15.54 19.07
N PHE A 102 4.45 -14.95 19.32
CA PHE A 102 5.72 -15.53 18.89
C PHE A 102 6.53 -15.91 20.13
N GLU A 103 7.86 -15.78 20.08
N GLU A 103 7.86 -15.77 20.07
CA GLU A 103 8.72 -16.27 21.16
CA GLU A 103 8.75 -16.24 21.13
C GLU A 103 8.53 -15.57 22.50
C GLU A 103 8.54 -15.56 22.49
N ASP A 104 8.14 -14.30 22.47
CA ASP A 104 8.04 -13.51 23.70
C ASP A 104 6.70 -13.57 24.42
N GLY A 105 5.64 -14.02 23.74
CA GLY A 105 4.28 -13.94 24.28
C GLY A 105 3.88 -12.49 24.40
N CYS A 106 2.77 -12.22 25.11
CA CYS A 106 2.35 -10.82 25.30
C CYS A 106 1.47 -10.60 26.52
N LEU A 107 1.31 -9.32 26.87
CA LEU A 107 0.27 -8.87 27.79
C LEU A 107 -0.53 -7.84 27.02
N VAL A 108 -1.83 -8.08 26.89
CA VAL A 108 -2.71 -7.14 26.17
C VAL A 108 -3.89 -6.78 27.07
N LEU A 109 -4.24 -5.50 27.08
CA LEU A 109 -5.47 -5.05 27.71
C LEU A 109 -6.60 -5.05 26.69
N ASP A 110 -7.55 -5.97 26.86
CA ASP A 110 -8.74 -6.05 26.02
C ASP A 110 -9.89 -5.31 26.70
N ILE A 111 -10.65 -4.56 25.92
CA ILE A 111 -11.78 -3.80 26.43
C ILE A 111 -13.03 -4.24 25.68
N PHE A 112 -14.11 -4.55 26.41
CA PHE A 112 -15.35 -4.96 25.77
C PHE A 112 -16.52 -4.06 26.15
N SER A 113 -17.37 -3.76 25.17
CA SER A 113 -18.64 -3.11 25.43
C SER A 113 -19.75 -3.73 24.56
N PRO A 114 -20.79 -4.30 25.21
CA PRO A 114 -20.90 -4.49 26.65
C PRO A 114 -20.01 -5.67 27.14
N PRO A 115 -19.98 -5.94 28.45
CA PRO A 115 -19.10 -7.00 28.96
C PRO A 115 -19.40 -8.39 28.38
N ARG A 116 -18.34 -9.19 28.24
CA ARG A 116 -18.45 -10.56 27.79
C ARG A 116 -19.00 -11.41 28.93
N GLU A 117 -20.16 -12.03 28.71
CA GLU A 117 -20.85 -12.82 29.74
C GLU A 117 -20.02 -13.99 30.23
N ASP A 118 -19.35 -14.68 29.33
CA ASP A 118 -18.52 -15.83 29.72
C ASP A 118 -17.35 -15.42 30.64
N TYR A 119 -16.65 -14.36 30.26
CA TYR A 119 -15.54 -13.85 31.06
C TYR A 119 -16.00 -13.30 32.42
N ALA A 120 -17.17 -12.65 32.42
CA ALA A 120 -17.75 -12.13 33.66
C ALA A 120 -18.00 -13.24 34.66
N ARG A 121 -18.55 -14.36 34.17
N ARG A 121 -18.56 -14.36 34.19
CA ARG A 121 -18.84 -15.52 35.03
CA ARG A 121 -18.82 -15.48 35.08
C ARG A 121 -17.57 -16.19 35.55
C ARG A 121 -17.54 -16.14 35.58
N MSE A 122 -16.57 -16.31 34.68
CA MSE A 122 -15.28 -16.89 35.07
C MSE A 122 -14.53 -15.97 36.04
O MSE A 122 -13.85 -16.46 36.96
CB MSE A 122 -14.42 -17.20 33.85
CG MSE A 122 -14.87 -18.44 33.10
SE MSE A 122 -13.68 -18.81 31.61
CE MSE A 122 -14.72 -17.97 30.23
N ALA A 123 -14.65 -14.66 35.85
CA ALA A 123 -14.06 -13.70 36.79
C ALA A 123 -14.71 -13.81 38.16
N GLU A 124 -16.03 -13.96 38.19
CA GLU A 124 -16.78 -14.16 39.44
C GLU A 124 -16.36 -15.43 40.18
N ASP A 125 -16.08 -16.50 39.42
CA ASP A 125 -15.71 -17.79 39.97
C ASP A 125 -14.21 -17.95 40.25
N ALA A 126 -13.41 -16.96 39.85
CA ALA A 126 -11.95 -17.07 39.89
C ALA A 126 -11.40 -17.31 41.29
N ALA B 13 -15.83 0.25 10.93
CA ALA B 13 -14.58 -0.11 10.19
C ALA B 13 -13.47 -0.53 11.14
N PRO B 14 -12.98 -1.78 11.03
CA PRO B 14 -11.89 -2.29 11.87
C PRO B 14 -10.59 -1.50 11.65
N ALA B 15 -9.79 -1.32 12.69
CA ALA B 15 -8.64 -0.43 12.60
C ALA B 15 -7.49 -0.78 13.57
N PHE B 16 -6.27 -0.43 13.17
CA PHE B 16 -5.09 -0.57 13.99
C PHE B 16 -4.51 0.82 14.21
N TYR B 17 -3.95 1.08 15.38
CA TYR B 17 -3.44 2.41 15.69
C TYR B 17 -2.01 2.35 16.24
N ASP B 18 -1.16 3.26 15.79
CA ASP B 18 0.10 3.51 16.46
C ASP B 18 -0.01 4.85 17.14
N LEU B 19 0.02 4.84 18.47
CA LEU B 19 -0.20 6.04 19.24
C LEU B 19 0.90 7.08 19.16
N THR B 20 2.08 6.69 18.73
CA THR B 20 3.12 7.68 18.47
C THR B 20 2.72 8.57 17.29
N GLU B 21 1.79 8.07 16.46
CA GLU B 21 1.33 8.77 15.26
C GLU B 21 -0.09 9.35 15.39
N VAL B 22 -0.74 9.14 16.53
CA VAL B 22 -2.04 9.77 16.80
C VAL B 22 -1.80 11.16 17.37
N ARG B 23 -2.26 12.18 16.64
CA ARG B 23 -2.04 13.57 17.04
C ARG B 23 -2.76 13.88 18.34
N SER B 24 -2.15 14.68 19.19
CA SER B 24 -2.76 14.99 20.48
C SER B 24 -3.48 16.34 20.46
N PHE B 25 -4.47 16.49 21.34
CA PHE B 25 -5.14 17.76 21.52
C PHE B 25 -5.18 18.11 23.01
N SER B 26 -5.33 19.39 23.30
CA SER B 26 -5.36 19.86 24.68
C SER B 26 -6.66 20.58 24.97
N PRO B 27 -7.53 19.98 25.81
CA PRO B 27 -8.78 20.67 26.15
C PRO B 27 -8.56 21.75 27.19
N LEU B 28 -7.42 21.71 27.86
CA LEU B 28 -7.11 22.57 28.99
C LEU B 28 -5.59 22.53 29.14
N PRO B 29 -4.95 23.68 29.44
CA PRO B 29 -3.50 23.64 29.67
C PRO B 29 -3.08 22.57 30.68
N GLY B 30 -1.99 21.86 30.41
CA GLY B 30 -1.51 20.79 31.29
C GLY B 30 -1.98 19.39 30.90
N PHE B 31 -2.89 19.33 29.93
CA PHE B 31 -3.45 18.06 29.47
C PHE B 31 -3.17 17.86 27.99
N ALA B 32 -2.64 16.70 27.64
CA ALA B 32 -2.54 16.29 26.24
C ALA B 32 -3.27 14.95 26.07
N MSE B 33 -4.15 14.89 25.07
CA MSE B 33 -5.00 13.74 24.89
C MSE B 33 -4.90 13.16 23.49
O MSE B 33 -4.85 13.90 22.50
CB MSE B 33 -6.46 14.11 25.15
CG MSE B 33 -6.75 14.50 26.57
SE MSE B 33 -8.60 14.93 26.86
CE MSE B 33 -8.50 15.03 28.80
N GLN B 34 -4.86 11.83 23.43
CA GLN B 34 -4.92 11.11 22.18
C GLN B 34 -6.10 10.16 22.29
N ALA B 35 -7.11 10.40 21.47
CA ALA B 35 -8.37 9.68 21.56
C ALA B 35 -8.65 8.92 20.26
N ILE B 36 -9.02 7.67 20.40
CA ILE B 36 -9.49 6.84 19.29
C ILE B 36 -10.84 6.24 19.68
N GLN B 37 -11.63 5.83 18.71
CA GLN B 37 -12.94 5.27 19.01
C GLN B 37 -13.42 4.25 18.01
N GLY B 38 -14.30 3.36 18.48
CA GLY B 38 -15.16 2.57 17.62
C GLY B 38 -16.54 3.20 17.70
N LYS B 39 -17.58 2.39 17.61
CA LYS B 39 -18.94 2.90 17.74
C LYS B 39 -19.30 3.20 19.21
N ASN B 40 -19.11 2.21 20.09
CA ASN B 40 -19.54 2.36 21.49
C ASN B 40 -18.41 2.59 22.49
N LEU B 41 -17.17 2.43 22.04
CA LEU B 41 -15.99 2.59 22.87
C LEU B 41 -15.12 3.75 22.41
N MSE B 42 -14.61 4.51 23.36
CA MSE B 42 -13.53 5.47 23.11
C MSE B 42 -12.39 5.17 24.09
O MSE B 42 -12.63 4.93 25.27
CB MSE B 42 -14.02 6.91 23.28
CG MSE B 42 -12.89 7.96 23.39
SE MSE B 42 -13.54 9.80 23.56
CE MSE B 42 -13.80 10.18 21.67
N LEU B 43 -11.16 5.18 23.56
CA LEU B 43 -9.96 5.07 24.37
C LEU B 43 -9.21 6.39 24.26
N ASN B 44 -8.81 6.93 25.41
CA ASN B 44 -8.19 8.25 25.49
C ASN B 44 -6.94 8.21 26.36
N TRP B 45 -5.78 8.40 25.73
CA TRP B 45 -4.50 8.46 26.44
C TRP B 45 -4.28 9.88 26.92
N VAL B 46 -4.29 10.07 28.24
CA VAL B 46 -4.22 11.41 28.81
C VAL B 46 -2.89 11.59 29.52
N ARG B 47 -2.06 12.50 29.00
CA ARG B 47 -0.80 12.86 29.66
C ARG B 47 -1.02 14.16 30.43
N ILE B 48 -0.85 14.09 31.75
CA ILE B 48 -1.09 15.22 32.62
C ILE B 48 0.23 15.72 33.19
N GLU B 49 0.49 17.02 33.03
N GLU B 49 0.47 17.02 33.02
CA GLU B 49 1.70 17.64 33.54
CA GLU B 49 1.67 17.68 33.55
C GLU B 49 1.69 17.64 35.07
C GLU B 49 1.69 17.61 35.08
N PRO B 50 2.89 17.76 35.69
CA PRO B 50 2.97 17.82 37.16
C PRO B 50 2.08 18.89 37.78
N ASN B 51 1.61 18.62 39.00
CA ASN B 51 0.85 19.61 39.81
C ASN B 51 -0.29 20.27 39.06
N THR B 52 -1.08 19.46 38.36
CA THR B 52 -2.17 19.97 37.53
C THR B 52 -3.48 19.39 38.01
N GLU B 53 -4.53 20.22 37.98
CA GLU B 53 -5.85 19.78 38.42
C GLU B 53 -6.82 19.60 37.24
N MSE B 54 -7.60 18.52 37.30
CA MSE B 54 -8.76 18.35 36.44
C MSE B 54 -9.96 18.76 37.29
O MSE B 54 -10.28 18.08 38.28
CB MSE B 54 -8.89 16.90 35.96
CG MSE B 54 -10.16 16.57 35.18
SE MSE B 54 -10.34 17.57 33.51
CE MSE B 54 -12.15 17.04 32.97
N PRO B 55 -10.63 19.87 36.94
CA PRO B 55 -11.79 20.32 37.72
C PRO B 55 -12.91 19.28 37.79
N ALA B 56 -13.68 19.33 38.89
CA ALA B 56 -14.76 18.39 39.15
C ALA B 56 -15.83 18.45 38.05
N HIS B 57 -16.24 17.28 37.55
N HIS B 57 -16.26 17.27 37.58
CA HIS B 57 -17.28 17.18 36.52
CA HIS B 57 -17.26 17.16 36.52
C HIS B 57 -18.06 15.89 36.61
C HIS B 57 -18.03 15.87 36.58
N GLU B 58 -19.19 15.85 35.91
CA GLU B 58 -19.96 14.60 35.69
C GLU B 58 -20.37 14.54 34.23
N HIS B 59 -20.62 13.34 33.72
CA HIS B 59 -21.21 13.13 32.40
C HIS B 59 -21.95 11.82 32.34
N PRO B 60 -22.95 11.71 31.45
CA PRO B 60 -23.74 10.47 31.35
C PRO B 60 -22.92 9.24 30.93
N HIS B 61 -21.78 9.48 30.28
CA HIS B 61 -20.90 8.40 29.84
C HIS B 61 -20.33 7.65 31.01
N GLU B 62 -20.38 6.32 30.93
CA GLU B 62 -19.64 5.49 31.87
C GLU B 62 -18.16 5.62 31.54
N GLN B 63 -17.32 5.63 32.57
CA GLN B 63 -15.89 5.80 32.38
C GLN B 63 -15.13 4.72 33.16
N ALA B 64 -14.01 4.30 32.60
CA ALA B 64 -13.05 3.49 33.34
C ALA B 64 -11.67 4.08 33.09
N GLY B 65 -10.72 3.76 33.95
CA GLY B 65 -9.37 4.29 33.83
C GLY B 65 -8.33 3.26 34.17
N VAL B 66 -7.19 3.34 33.50
CA VAL B 66 -6.06 2.45 33.78
C VAL B 66 -4.79 3.30 33.89
N MSE B 67 -4.14 3.24 35.04
CA MSE B 67 -2.87 3.96 35.23
C MSE B 67 -1.76 3.33 34.38
O MSE B 67 -1.58 2.11 34.39
CB MSE B 67 -2.46 3.99 36.69
CG MSE B 67 -3.38 4.83 37.58
SE MSE B 67 -3.43 6.71 37.11
CE MSE B 67 -1.56 7.19 37.40
N LEU B 68 -1.02 4.17 33.66
CA LEU B 68 0.10 3.68 32.84
C LEU B 68 1.45 4.15 33.37
N GLU B 69 1.53 5.43 33.74
CA GLU B 69 2.75 6.02 34.27
C GLU B 69 2.42 7.03 35.35
N GLY B 70 3.31 7.19 36.32
CA GLY B 70 3.20 8.29 37.28
C GLY B 70 2.18 8.08 38.38
N THR B 71 1.60 9.19 38.85
CA THR B 71 0.74 9.21 40.02
C THR B 71 -0.47 10.10 39.77
N LEU B 72 -1.64 9.66 40.23
CA LEU B 72 -2.86 10.46 40.09
C LEU B 72 -3.71 10.37 41.35
N GLU B 73 -4.05 11.53 41.92
CA GLU B 73 -5.01 11.58 43.01
C GLU B 73 -6.40 11.74 42.41
N LEU B 74 -7.23 10.73 42.59
CA LEU B 74 -8.55 10.73 42.00
C LEU B 74 -9.61 10.74 43.09
N THR B 75 -10.55 11.67 42.96
CA THR B 75 -11.76 11.65 43.76
C THR B 75 -12.90 11.16 42.88
N ILE B 76 -13.53 10.05 43.27
CA ILE B 76 -14.80 9.64 42.68
C ILE B 76 -15.81 9.63 43.81
N GLY B 77 -16.87 10.43 43.67
CA GLY B 77 -17.84 10.60 44.74
C GLY B 77 -17.17 11.09 46.02
N GLU B 78 -17.46 10.41 47.12
CA GLU B 78 -16.94 10.75 48.46
C GLU B 78 -15.49 10.26 48.70
N GLU B 79 -14.99 9.42 47.80
CA GLU B 79 -13.72 8.72 47.99
C GLU B 79 -12.54 9.43 47.33
N THR B 80 -11.41 9.51 48.03
CA THR B 80 -10.15 10.01 47.44
C THR B 80 -9.04 8.97 47.54
N ARG B 81 -8.56 8.55 46.37
N ARG B 81 -8.55 8.55 46.38
CA ARG B 81 -7.53 7.54 46.26
CA ARG B 81 -7.54 7.48 46.29
C ARG B 81 -6.35 8.09 45.50
C ARG B 81 -6.37 7.92 45.41
N VAL B 82 -5.16 7.61 45.86
CA VAL B 82 -3.94 7.94 45.11
C VAL B 82 -3.60 6.70 44.28
N LEU B 83 -3.53 6.89 42.96
CA LEU B 83 -3.40 5.78 42.02
C LEU B 83 -2.06 5.76 41.30
N ARG B 84 -1.55 4.55 41.08
CA ARG B 84 -0.25 4.33 40.45
C ARG B 84 -0.40 3.16 39.46
N PRO B 85 0.60 2.95 38.56
CA PRO B 85 0.51 1.78 37.67
C PRO B 85 0.29 0.48 38.45
N GLY B 86 -0.61 -0.35 37.95
CA GLY B 86 -1.07 -1.52 38.68
C GLY B 86 -2.49 -1.34 39.16
N MSE B 87 -3.01 -0.11 39.06
CA MSE B 87 -4.38 0.18 39.47
C MSE B 87 -5.30 0.64 38.34
O MSE B 87 -4.83 1.13 37.31
CB MSE B 87 -4.40 1.17 40.63
CG MSE B 87 -3.63 0.67 41.86
SE MSE B 87 -3.60 2.00 43.24
CE MSE B 87 -5.40 1.70 43.94
N ALA B 88 -6.59 0.44 38.56
CA ALA B 88 -7.64 0.78 37.61
C ALA B 88 -8.89 1.18 38.39
N TYR B 89 -9.83 1.85 37.73
CA TYR B 89 -11.05 2.30 38.40
C TYR B 89 -12.21 2.31 37.43
N THR B 90 -13.43 2.31 37.98
CA THR B 90 -14.66 2.43 37.18
C THR B 90 -15.55 3.53 37.76
N ILE B 91 -16.15 4.32 36.88
CA ILE B 91 -17.03 5.43 37.28
C ILE B 91 -18.35 5.36 36.51
N PRO B 92 -19.46 5.13 37.23
CA PRO B 92 -20.78 5.11 36.58
C PRO B 92 -21.12 6.47 36.00
N GLY B 93 -21.92 6.47 34.94
CA GLY B 93 -22.41 7.72 34.37
C GLY B 93 -23.10 8.52 35.46
N GLY B 94 -22.84 9.82 35.48
CA GLY B 94 -23.49 10.74 36.42
C GLY B 94 -22.77 10.96 37.74
N VAL B 95 -21.68 10.23 37.98
CA VAL B 95 -20.97 10.34 39.26
C VAL B 95 -19.84 11.38 39.20
N ARG B 96 -19.84 12.29 40.17
CA ARG B 96 -18.89 13.41 40.20
C ARG B 96 -17.48 12.93 40.54
N HIS B 97 -16.51 13.46 39.81
CA HIS B 97 -15.11 13.16 40.08
C HIS B 97 -14.21 14.28 39.66
N ARG B 98 -13.09 14.40 40.35
CA ARG B 98 -12.03 15.34 39.97
C ARG B 98 -10.68 14.68 40.22
N ALA B 99 -9.62 15.26 39.69
CA ALA B 99 -8.31 14.67 39.79
C ALA B 99 -7.21 15.71 39.88
N ARG B 100 -6.05 15.30 40.39
CA ARG B 100 -4.85 16.14 40.37
C ARG B 100 -3.58 15.30 40.37
N THR B 101 -2.52 15.88 39.81
CA THR B 101 -1.21 15.25 39.80
C THR B 101 -0.31 15.88 40.85
N PHE B 102 0.78 15.19 41.16
CA PHE B 102 1.82 15.72 42.03
C PHE B 102 3.05 16.00 41.17
N GLU B 103 4.25 15.84 41.76
CA GLU B 103 5.51 16.24 41.10
C GLU B 103 5.81 15.49 39.80
N ASP B 104 5.41 14.23 39.73
CA ASP B 104 5.79 13.37 38.59
C ASP B 104 4.85 13.43 37.38
N GLY B 105 3.64 13.96 37.56
CA GLY B 105 2.61 13.91 36.52
C GLY B 105 2.13 12.48 36.31
N CYS B 106 1.40 12.25 35.21
CA CYS B 106 0.95 10.89 34.92
C CYS B 106 0.55 10.67 33.46
N LEU B 107 0.47 9.40 33.09
CA LEU B 107 -0.18 8.95 31.87
C LEU B 107 -1.26 7.97 32.30
N VAL B 108 -2.50 8.30 31.97
CA VAL B 108 -3.63 7.45 32.30
C VAL B 108 -4.45 7.15 31.04
N LEU B 109 -4.86 5.90 30.89
CA LEU B 109 -5.78 5.51 29.82
C LEU B 109 -7.21 5.63 30.35
N ASP B 110 -7.97 6.56 29.78
CA ASP B 110 -9.39 6.69 30.10
C ASP B 110 -10.22 6.01 29.02
N ILE B 111 -11.31 5.35 29.44
CA ILE B 111 -12.16 4.61 28.54
C ILE B 111 -13.59 5.10 28.73
N PHE B 112 -14.27 5.44 27.63
CA PHE B 112 -15.64 5.91 27.68
C PHE B 112 -16.58 5.04 26.87
N SER B 113 -17.79 4.84 27.41
CA SER B 113 -18.88 4.26 26.64
C SER B 113 -20.17 5.00 26.99
N PRO B 114 -20.84 5.63 25.99
CA PRO B 114 -20.43 5.81 24.59
C PRO B 114 -19.26 6.79 24.47
N PRO B 115 -18.72 7.00 23.26
CA PRO B 115 -17.64 7.96 23.13
C PRO B 115 -18.06 9.38 23.52
N ARG B 116 -17.11 10.18 24.00
CA ARG B 116 -17.38 11.59 24.25
C ARG B 116 -17.28 12.36 22.94
N GLU B 117 -18.41 12.88 22.50
CA GLU B 117 -18.54 13.57 21.21
C GLU B 117 -17.64 14.80 21.08
N ASP B 118 -17.48 15.53 22.19
CA ASP B 118 -16.60 16.70 22.20
C ASP B 118 -15.13 16.33 21.97
N TYR B 119 -14.66 15.26 22.61
CA TYR B 119 -13.29 14.76 22.39
C TYR B 119 -13.12 14.19 20.98
N ALA B 120 -14.18 13.56 20.46
CA ALA B 120 -14.17 13.03 19.09
C ALA B 120 -13.87 14.14 18.07
N ARG B 121 -14.57 15.27 18.21
CA ARG B 121 -14.37 16.42 17.33
C ARG B 121 -12.96 17.01 17.46
N MSE B 122 -12.49 17.13 18.70
CA MSE B 122 -11.14 17.66 18.94
C MSE B 122 -10.06 16.72 18.40
O MSE B 122 -9.04 17.18 17.88
CB MSE B 122 -10.93 17.92 20.43
CG MSE B 122 -11.93 18.90 21.04
SE MSE B 122 -11.55 19.19 22.92
CE MSE B 122 -10.14 20.52 22.70
N ALA B 123 -10.29 15.41 18.51
CA ALA B 123 -9.37 14.42 17.94
C ALA B 123 -9.33 14.52 16.41
N GLU B 124 -10.50 14.72 15.79
CA GLU B 124 -10.59 14.88 14.34
C GLU B 124 -9.83 16.10 13.86
N ASP B 125 -9.85 17.17 14.66
CA ASP B 125 -9.23 18.45 14.29
C ASP B 125 -7.78 18.59 14.75
N ALA B 126 -7.25 17.57 15.43
CA ALA B 126 -5.92 17.67 16.07
C ALA B 126 -4.79 17.91 15.07
N SER C 1 9.47 -15.44 -2.43
CA SER C 1 9.69 -14.06 -1.91
C SER C 1 10.24 -14.09 -0.50
N ASN C 2 9.34 -14.23 0.48
CA ASN C 2 9.67 -14.26 1.91
C ASN C 2 10.56 -13.09 2.37
N ALA C 3 10.28 -11.90 1.82
CA ALA C 3 11.02 -10.66 2.14
C ALA C 3 12.53 -10.74 1.84
N MSE C 4 12.87 -11.54 0.83
CA MSE C 4 14.25 -11.61 0.35
C MSE C 4 14.38 -10.73 -0.90
O MSE C 4 13.88 -11.06 -1.98
CB MSE C 4 14.67 -13.06 0.06
CG MSE C 4 16.11 -13.24 -0.45
SE MSE C 4 17.49 -12.23 0.54
CE MSE C 4 17.43 -13.16 2.23
N SER C 5 15.02 -9.58 -0.72
CA SER C 5 15.19 -8.61 -1.80
C SER C 5 16.15 -9.10 -2.88
N THR C 6 15.77 -8.93 -4.14
CA THR C 6 16.59 -9.36 -5.29
C THR C 6 16.67 -8.30 -6.40
N GLY C 7 17.72 -8.39 -7.22
CA GLY C 7 17.90 -7.52 -8.40
C GLY C 7 17.83 -6.03 -8.09
N GLU C 8 16.99 -5.32 -8.84
CA GLU C 8 16.85 -3.86 -8.72
C GLU C 8 16.34 -3.38 -7.35
N GLN C 9 15.64 -4.26 -6.63
CA GLN C 9 15.18 -3.94 -5.28
C GLN C 9 16.36 -3.60 -4.36
N ARG C 10 17.39 -4.44 -4.42
CA ARG C 10 18.61 -4.24 -3.63
C ARG C 10 19.26 -2.88 -3.92
N GLU C 11 19.33 -2.52 -5.20
CA GLU C 11 20.02 -1.29 -5.60
C GLU C 11 19.19 -0.03 -5.39
N PHE C 12 17.86 -0.13 -5.53
CA PHE C 12 17.02 1.05 -5.55
C PHE C 12 15.99 1.15 -4.42
N ALA C 13 15.54 0.01 -3.88
CA ALA C 13 14.43 0.02 -2.93
C ALA C 13 14.83 -0.07 -1.45
N PRO C 14 14.65 1.03 -0.70
CA PRO C 14 14.72 0.93 0.76
C PRO C 14 13.60 0.01 1.24
N ALA C 15 13.80 -0.68 2.36
CA ALA C 15 12.79 -1.62 2.85
C ALA C 15 12.72 -1.64 4.37
N PHE C 16 11.52 -1.94 4.87
CA PHE C 16 11.30 -2.10 6.31
C PHE C 16 10.90 -3.55 6.55
N TYR C 17 11.40 -4.14 7.63
CA TYR C 17 11.15 -5.55 7.91
C TYR C 17 10.62 -5.79 9.31
N ASP C 18 9.63 -6.66 9.42
CA ASP C 18 9.24 -7.20 10.69
C ASP C 18 9.66 -8.66 10.69
N LEU C 19 10.62 -8.99 11.53
CA LEU C 19 11.20 -10.33 11.50
C LEU C 19 10.28 -11.46 11.96
N THR C 20 9.27 -11.14 12.76
CA THR C 20 8.28 -12.15 13.13
C THR C 20 7.55 -12.68 11.89
N GLU C 21 7.61 -11.90 10.81
CA GLU C 21 6.94 -12.24 9.55
C GLU C 21 7.89 -12.79 8.48
N VAL C 22 9.18 -12.81 8.77
CA VAL C 22 10.18 -13.40 7.86
C VAL C 22 10.31 -14.87 8.19
N ARG C 23 9.96 -15.73 7.23
CA ARG C 23 10.00 -17.18 7.45
C ARG C 23 11.42 -17.69 7.49
N SER C 24 11.66 -18.68 8.34
CA SER C 24 13.01 -19.20 8.52
C SER C 24 13.33 -20.36 7.57
N PHE C 25 14.61 -20.53 7.30
CA PHE C 25 15.10 -21.69 6.57
C PHE C 25 16.15 -22.40 7.41
N SER C 26 16.37 -23.67 7.10
CA SER C 26 17.29 -24.48 7.88
C SER C 26 18.30 -25.16 6.95
N PRO C 27 19.54 -24.64 6.89
CA PRO C 27 20.55 -25.25 6.04
C PRO C 27 21.07 -26.57 6.60
N LEU C 28 20.81 -26.78 7.89
CA LEU C 28 21.37 -27.88 8.65
C LEU C 28 20.47 -28.06 9.86
N PRO C 29 20.22 -29.31 10.29
CA PRO C 29 19.40 -29.52 11.49
C PRO C 29 19.94 -28.77 12.73
N GLY C 30 19.04 -28.20 13.52
CA GLY C 30 19.43 -27.43 14.70
C GLY C 30 19.59 -25.93 14.46
N PHE C 31 19.49 -25.51 13.20
CA PHE C 31 19.64 -24.10 12.84
C PHE C 31 18.39 -23.59 12.14
N ALA C 32 17.88 -22.45 12.60
CA ALA C 32 16.82 -21.74 11.90
C ALA C 32 17.33 -20.34 11.57
N MSE C 33 17.19 -19.94 10.32
CA MSE C 33 17.76 -18.67 9.85
C MSE C 33 16.70 -17.81 9.19
O MSE C 33 15.87 -18.29 8.43
CB MSE C 33 18.89 -18.91 8.85
CG MSE C 33 20.13 -19.53 9.45
SE MSE C 33 21.51 -19.90 8.15
CE MSE C 33 22.87 -20.51 9.41
N GLN C 34 16.78 -16.50 9.49
CA GLN C 34 15.96 -15.51 8.81
C GLN C 34 16.91 -14.48 8.25
N ALA C 35 16.87 -14.33 6.94
CA ALA C 35 17.85 -13.49 6.25
C ALA C 35 17.16 -12.40 5.44
N ILE C 36 17.74 -11.20 5.48
CA ILE C 36 17.35 -10.11 4.61
C ILE C 36 18.63 -9.54 3.99
N GLN C 37 18.50 -8.85 2.87
CA GLN C 37 19.68 -8.27 2.23
C GLN C 37 19.40 -6.96 1.51
N GLY C 38 20.44 -6.14 1.41
CA GLY C 38 20.51 -5.05 0.45
C GLY C 38 21.52 -5.46 -0.60
N LYS C 39 22.15 -4.49 -1.26
CA LYS C 39 23.16 -4.77 -2.26
C LYS C 39 24.47 -5.31 -1.64
N ASN C 40 25.00 -4.60 -0.65
CA ASN C 40 26.32 -4.93 -0.06
C ASN C 40 26.22 -5.73 1.23
N LEU C 41 25.04 -5.71 1.85
CA LEU C 41 24.81 -6.24 3.20
C LEU C 41 23.75 -7.30 3.25
N MSE C 42 24.02 -8.37 4.00
CA MSE C 42 23.02 -9.33 4.40
C MSE C 42 22.99 -9.42 5.93
O MSE C 42 24.05 -9.46 6.57
CB MSE C 42 23.31 -10.71 3.81
CG MSE C 42 22.52 -11.85 4.47
SE MSE C 42 22.84 -13.55 3.60
CE MSE C 42 21.59 -13.37 2.15
N LEU C 43 21.78 -9.45 6.49
CA LEU C 43 21.59 -9.66 7.91
C LEU C 43 20.88 -10.98 8.11
N ASN C 44 21.40 -11.81 9.02
CA ASN C 44 20.90 -13.17 9.21
C ASN C 44 20.72 -13.48 10.70
N TRP C 45 19.46 -13.63 11.11
CA TRP C 45 19.13 -14.01 12.48
C TRP C 45 19.19 -15.51 12.60
N VAL C 46 20.11 -15.98 13.42
CA VAL C 46 20.38 -17.41 13.52
C VAL C 46 20.02 -17.94 14.91
N ARG C 47 18.98 -18.76 14.98
CA ARG C 47 18.58 -19.40 16.22
C ARG C 47 19.15 -20.81 16.24
N ILE C 48 20.04 -21.07 17.18
CA ILE C 48 20.70 -22.38 17.27
C ILE C 48 20.19 -23.15 18.48
N GLU C 49 19.73 -24.38 18.23
N GLU C 49 19.72 -24.38 18.22
CA GLU C 49 19.25 -25.27 19.28
CA GLU C 49 19.25 -25.30 19.25
C GLU C 49 20.38 -25.65 20.23
C GLU C 49 20.38 -25.64 20.23
N PRO C 50 20.05 -26.10 21.46
CA PRO C 50 21.07 -26.57 22.41
C PRO C 50 22.01 -27.64 21.83
N ASN C 51 23.26 -27.65 22.31
CA ASN C 51 24.23 -28.71 22.03
C ASN C 51 24.35 -29.08 20.55
N THR C 52 24.50 -28.06 19.72
CA THR C 52 24.52 -28.19 18.28
C THR C 52 25.82 -27.58 17.77
N GLU C 53 26.45 -28.22 16.79
CA GLU C 53 27.69 -27.72 16.21
C GLU C 53 27.48 -27.17 14.80
N MSE C 54 28.14 -26.05 14.51
N MSE C 54 28.16 -26.07 14.49
CA MSE C 54 28.32 -25.64 13.13
CA MSE C 54 28.30 -25.62 13.11
C MSE C 54 29.71 -26.09 12.72
C MSE C 54 29.70 -25.99 12.63
O MSE C 54 30.69 -25.70 13.35
O MSE C 54 30.68 -25.42 13.11
CB MSE C 54 28.19 -24.13 12.95
CB MSE C 54 28.09 -24.10 13.00
CG MSE C 54 28.37 -23.70 11.50
CG MSE C 54 28.53 -23.50 11.67
SE MSE C 54 28.00 -21.83 11.15
SE MSE C 54 27.45 -24.03 10.11
CE MSE C 54 29.30 -21.04 12.37
CE MSE C 54 25.99 -22.76 10.28
N PRO C 55 29.80 -26.97 11.70
CA PRO C 55 31.10 -27.48 11.25
C PRO C 55 32.00 -26.36 10.72
N ALA C 56 33.31 -26.56 10.82
CA ALA C 56 34.30 -25.55 10.42
C ALA C 56 34.20 -25.24 8.94
N HIS C 57 34.25 -23.95 8.60
CA HIS C 57 34.24 -23.47 7.21
C HIS C 57 34.94 -22.14 7.07
N GLU C 58 35.26 -21.78 5.83
CA GLU C 58 35.66 -20.43 5.44
C GLU C 58 34.82 -20.02 4.25
N HIS C 59 34.68 -18.71 4.04
N HIS C 59 34.69 -18.72 4.04
CA HIS C 59 33.99 -18.15 2.88
CA HIS C 59 34.05 -18.17 2.84
C HIS C 59 34.62 -16.83 2.54
C HIS C 59 34.66 -16.84 2.52
N PRO C 60 34.63 -16.43 1.25
CA PRO C 60 35.25 -15.14 0.85
C PRO C 60 34.55 -13.91 1.46
N HIS C 61 33.29 -14.06 1.86
CA HIS C 61 32.52 -12.96 2.45
C HIS C 61 33.06 -12.60 3.80
N GLU C 62 33.20 -11.30 4.04
CA GLU C 62 33.49 -10.79 5.37
C GLU C 62 32.24 -11.03 6.23
N GLN C 63 32.45 -11.36 7.50
CA GLN C 63 31.35 -11.66 8.40
C GLN C 63 31.54 -10.87 9.69
N ALA C 64 30.44 -10.49 10.31
CA ALA C 64 30.43 -10.00 11.67
C ALA C 64 29.24 -10.65 12.37
N GLY C 65 29.27 -10.65 13.70
CA GLY C 65 28.15 -11.20 14.46
C GLY C 65 27.89 -10.45 15.74
N VAL C 66 26.65 -10.47 16.19
CA VAL C 66 26.23 -9.81 17.44
C VAL C 66 25.41 -10.81 18.24
N MSE C 67 25.84 -11.13 19.46
CA MSE C 67 25.06 -12.03 20.32
C MSE C 67 23.76 -11.35 20.76
O MSE C 67 23.77 -10.22 21.25
CB MSE C 67 25.87 -12.47 21.54
CG MSE C 67 27.03 -13.39 21.23
SE MSE C 67 26.48 -15.06 20.37
CE MSE C 67 25.32 -15.81 21.76
N LEU C 68 22.64 -12.06 20.60
CA LEU C 68 21.34 -11.52 21.02
C LEU C 68 20.80 -12.24 22.24
N GLU C 69 20.90 -13.58 22.25
CA GLU C 69 20.39 -14.39 23.35
C GLU C 69 21.29 -15.60 23.54
N GLY C 70 21.42 -16.08 24.76
CA GLY C 70 22.07 -17.35 25.03
C GLY C 70 23.59 -17.31 24.96
N THR C 71 24.18 -18.42 24.50
CA THR C 71 25.61 -18.64 24.61
C THR C 71 26.11 -19.34 23.35
N LEU C 72 27.28 -18.93 22.87
CA LEU C 72 27.89 -19.53 21.69
C LEU C 72 29.40 -19.65 21.87
N GLU C 73 29.93 -20.85 21.65
CA GLU C 73 31.38 -21.03 21.63
C GLU C 73 31.88 -20.90 20.20
N LEU C 74 32.62 -19.82 19.95
CA LEU C 74 33.10 -19.55 18.61
C LEU C 74 34.60 -19.69 18.56
N THR C 75 35.07 -20.46 17.59
CA THR C 75 36.47 -20.50 17.25
C THR C 75 36.67 -19.70 15.97
N ILE C 76 37.49 -18.65 16.04
CA ILE C 76 37.90 -17.94 14.83
C ILE C 76 39.41 -18.07 14.70
N GLY C 77 39.86 -18.72 13.63
CA GLY C 77 41.26 -19.06 13.48
C GLY C 77 41.74 -19.85 14.68
N GLU C 78 42.76 -19.31 15.35
CA GLU C 78 43.43 -19.95 16.49
C GLU C 78 42.68 -19.78 17.85
N GLU C 79 41.79 -18.79 17.92
CA GLU C 79 41.17 -18.36 19.17
C GLU C 79 39.83 -19.02 19.40
N THR C 80 39.59 -19.46 20.65
CA THR C 80 38.28 -19.98 21.05
C THR C 80 37.70 -19.15 22.19
N ARG C 81 36.57 -18.51 21.93
N ARG C 81 36.55 -18.52 21.94
CA ARG C 81 35.91 -17.65 22.91
CA ARG C 81 35.92 -17.64 22.93
C ARG C 81 34.49 -18.15 23.17
C ARG C 81 34.46 -18.02 23.13
N VAL C 82 34.00 -17.89 24.37
CA VAL C 82 32.60 -18.13 24.69
C VAL C 82 31.90 -16.78 24.72
N LEU C 83 30.90 -16.64 23.85
CA LEU C 83 30.24 -15.36 23.62
C LEU C 83 28.85 -15.34 24.24
N ARG C 84 28.46 -14.16 24.75
CA ARG C 84 27.17 -13.96 25.40
C ARG C 84 26.65 -12.57 24.97
N PRO C 85 25.34 -12.27 25.18
CA PRO C 85 24.87 -10.92 24.80
C PRO C 85 25.75 -9.84 25.42
N GLY C 86 26.06 -8.82 24.63
CA GLY C 86 26.97 -7.75 25.05
C GLY C 86 28.27 -7.90 24.30
N MSE C 87 28.39 -8.99 23.55
CA MSE C 87 29.59 -9.23 22.76
C MSE C 87 29.32 -9.30 21.25
O MSE C 87 28.20 -9.60 20.81
CB MSE C 87 30.32 -10.47 23.26
CG MSE C 87 30.84 -10.31 24.69
SE MSE C 87 31.60 -11.97 25.24
CE MSE C 87 33.32 -11.79 24.31
N ALA C 88 30.36 -9.02 20.48
CA ALA C 88 30.32 -9.02 19.02
C ALA C 88 31.67 -9.49 18.47
N TYR C 89 31.73 -9.82 17.19
CA TYR C 89 32.96 -10.31 16.58
C TYR C 89 33.03 -9.95 15.10
N THR C 90 34.25 -9.95 14.56
CA THR C 90 34.46 -9.73 13.13
C THR C 90 35.38 -10.81 12.58
N ILE C 91 35.05 -11.31 11.39
CA ILE C 91 35.82 -12.35 10.72
C ILE C 91 36.12 -11.92 9.27
N PRO C 92 37.40 -11.73 8.94
CA PRO C 92 37.77 -11.40 7.57
C PRO C 92 37.46 -12.56 6.65
N GLY C 93 37.18 -12.25 5.38
CA GLY C 93 36.96 -13.30 4.39
C GLY C 93 38.12 -14.28 4.39
N GLY C 94 37.80 -15.57 4.29
CA GLY C 94 38.81 -16.61 4.12
C GLY C 94 39.35 -17.18 5.41
N VAL C 95 38.93 -16.63 6.54
CA VAL C 95 39.39 -17.12 7.86
C VAL C 95 38.47 -18.23 8.38
N ARG C 96 39.07 -19.37 8.72
CA ARG C 96 38.33 -20.56 9.14
C ARG C 96 37.74 -20.38 10.53
N HIS C 97 36.51 -20.85 10.70
CA HIS C 97 35.85 -20.77 11.99
C HIS C 97 34.79 -21.85 12.16
N ARG C 98 34.55 -22.22 13.41
CA ARG C 98 33.48 -23.15 13.75
C ARG C 98 32.80 -22.66 15.03
N ALA C 99 31.65 -23.24 15.34
CA ALA C 99 30.90 -22.84 16.52
C ALA C 99 30.09 -23.99 17.11
N ARG C 100 29.81 -23.90 18.40
CA ARG C 100 28.88 -24.83 19.07
C ARG C 100 28.11 -24.17 20.21
N THR C 101 26.93 -24.69 20.48
CA THR C 101 26.14 -24.20 21.60
C THR C 101 26.22 -25.18 22.77
N PHE C 102 25.83 -24.71 23.94
CA PHE C 102 25.69 -25.55 25.12
C PHE C 102 24.21 -25.77 25.43
N GLU C 103 23.86 -25.85 26.72
CA GLU C 103 22.51 -26.24 27.13
C GLU C 103 21.42 -25.25 26.73
N ASP C 104 21.77 -23.97 26.65
CA ASP C 104 20.77 -22.92 26.44
C ASP C 104 20.53 -22.55 24.98
N GLY C 105 21.43 -22.98 24.09
CA GLY C 105 21.37 -22.58 22.68
C GLY C 105 21.61 -21.08 22.54
N CYS C 106 21.29 -20.52 21.37
CA CYS C 106 21.49 -19.08 21.19
C CYS C 106 20.70 -18.47 20.05
N LEU C 107 20.68 -17.14 20.05
CA LEU C 107 20.22 -16.33 18.93
C LEU C 107 21.36 -15.38 18.65
N VAL C 108 21.94 -15.50 17.45
CA VAL C 108 23.02 -14.63 17.05
C VAL C 108 22.64 -13.91 15.75
N LEU C 109 22.96 -12.62 15.66
CA LEU C 109 22.79 -11.88 14.42
C LEU C 109 24.10 -11.94 13.63
N ASP C 110 24.09 -12.63 12.50
CA ASP C 110 25.23 -12.68 11.60
C ASP C 110 25.05 -11.67 10.47
N ILE C 111 26.14 -10.99 10.11
CA ILE C 111 26.13 -10.00 9.04
C ILE C 111 27.18 -10.37 8.00
N PHE C 112 26.81 -10.32 6.73
CA PHE C 112 27.74 -10.65 5.65
C PHE C 112 27.90 -9.49 4.68
N SER C 113 29.12 -9.29 4.20
CA SER C 113 29.35 -8.43 3.05
C SER C 113 30.43 -9.04 2.16
N PRO C 114 30.10 -9.32 0.89
CA PRO C 114 28.78 -9.18 0.26
C PRO C 114 27.81 -10.26 0.77
N PRO C 115 26.52 -10.22 0.35
CA PRO C 115 25.58 -11.23 0.81
C PRO C 115 25.99 -12.64 0.38
N ARG C 116 25.55 -13.62 1.14
CA ARG C 116 25.74 -15.03 0.79
C ARG C 116 24.62 -15.48 -0.13
N GLU C 117 24.96 -15.72 -1.39
CA GLU C 117 23.97 -16.06 -2.42
C GLU C 117 23.26 -17.39 -2.14
N ASP C 118 23.94 -18.32 -1.48
CA ASP C 118 23.31 -19.58 -1.11
C ASP C 118 22.18 -19.36 -0.09
N TYR C 119 22.44 -18.51 0.92
CA TYR C 119 21.40 -18.19 1.91
C TYR C 119 20.27 -17.37 1.30
N ALA C 120 20.59 -16.51 0.32
CA ALA C 120 19.58 -15.72 -0.39
C ALA C 120 18.56 -16.61 -1.10
N ARG C 121 19.06 -17.66 -1.77
CA ARG C 121 18.21 -18.62 -2.46
C ARG C 121 17.31 -19.39 -1.49
N MSE C 122 17.88 -19.81 -0.36
CA MSE C 122 17.15 -20.56 0.64
C MSE C 122 16.09 -19.71 1.33
O MSE C 122 15.00 -20.18 1.65
CB MSE C 122 18.10 -21.16 1.68
CG MSE C 122 19.13 -22.08 1.09
SE MSE C 122 20.19 -22.89 2.48
CE MSE C 122 18.86 -24.18 3.09
N ALA C 123 16.42 -18.43 1.54
CA ALA C 123 15.48 -17.47 2.12
C ALA C 123 14.30 -17.22 1.18
N GLU C 124 14.56 -17.08 -0.12
CA GLU C 124 13.51 -16.93 -1.13
C GLU C 124 12.49 -18.07 -1.11
N ASP C 125 12.97 -19.29 -0.84
CA ASP C 125 12.16 -20.50 -0.94
C ASP C 125 11.54 -20.95 0.38
N ALA C 126 11.82 -20.24 1.47
CA ALA C 126 11.39 -20.65 2.81
C ALA C 126 9.88 -20.63 2.98
N GLU D 11 42.29 -7.41 3.77
CA GLU D 11 42.04 -8.20 5.01
C GLU D 11 42.31 -7.42 6.29
N PHE D 12 41.93 -8.01 7.41
CA PHE D 12 42.22 -7.48 8.74
C PHE D 12 42.44 -8.68 9.67
N ALA D 13 42.57 -8.44 10.97
CA ALA D 13 42.68 -9.54 11.92
C ALA D 13 41.31 -9.80 12.55
N PRO D 14 40.96 -11.08 12.77
CA PRO D 14 39.70 -11.40 13.46
C PRO D 14 39.69 -10.72 14.83
N ALA D 15 38.55 -10.18 15.23
CA ALA D 15 38.47 -9.50 16.52
C ALA D 15 37.20 -9.84 17.28
N PHE D 16 37.34 -9.91 18.61
CA PHE D 16 36.21 -10.11 19.51
C PHE D 16 36.07 -8.86 20.36
N TYR D 17 34.82 -8.44 20.60
CA TYR D 17 34.54 -7.20 21.30
C TYR D 17 33.57 -7.42 22.45
N ASP D 18 33.85 -6.78 23.58
CA ASP D 18 32.92 -6.68 24.68
C ASP D 18 32.43 -5.24 24.68
N LEU D 19 31.14 -5.05 24.46
CA LEU D 19 30.58 -3.69 24.32
C LEU D 19 30.84 -2.81 25.54
N THR D 20 30.91 -3.39 26.73
CA THR D 20 31.23 -2.61 27.92
C THR D 20 32.62 -1.96 27.82
N GLU D 21 33.46 -2.48 26.93
CA GLU D 21 34.82 -1.96 26.77
C GLU D 21 34.98 -1.04 25.56
N VAL D 22 34.00 -1.02 24.66
CA VAL D 22 34.06 -0.14 23.50
C VAL D 22 33.68 1.27 23.91
N ARG D 23 34.59 2.20 23.68
CA ARG D 23 34.42 3.57 24.17
C ARG D 23 33.40 4.32 23.33
N SER D 24 32.67 5.22 23.96
CA SER D 24 31.53 5.87 23.33
C SER D 24 31.90 7.26 22.81
N PHE D 25 31.24 7.67 21.73
CA PHE D 25 31.41 9.02 21.21
C PHE D 25 30.06 9.60 20.82
N SER D 26 30.00 10.91 20.69
CA SER D 26 28.76 11.59 20.37
C SER D 26 28.98 12.56 19.20
N PRO D 27 28.37 12.27 18.05
CA PRO D 27 28.52 13.17 16.89
C PRO D 27 27.65 14.42 16.99
N LEU D 28 26.65 14.37 17.87
CA LEU D 28 25.60 15.37 17.97
C LEU D 28 24.91 15.18 19.32
N PRO D 29 24.54 16.27 20.01
CA PRO D 29 23.81 16.13 21.28
C PRO D 29 22.60 15.21 21.14
N GLY D 30 22.41 14.30 22.11
CA GLY D 30 21.29 13.35 22.09
C GLY D 30 21.63 12.00 21.49
N PHE D 31 22.85 11.88 20.94
CA PHE D 31 23.33 10.63 20.34
C PHE D 31 24.59 10.15 21.03
N ALA D 32 24.59 8.88 21.45
CA ALA D 32 25.81 8.25 21.97
C ALA D 32 26.05 6.97 21.18
N MSE D 33 27.28 6.82 20.68
CA MSE D 33 27.60 5.76 19.74
C MSE D 33 28.84 4.94 20.14
O MSE D 33 29.79 5.47 20.69
CB MSE D 33 27.86 6.33 18.33
CG MSE D 33 26.70 7.08 17.72
SE MSE D 33 27.13 7.70 15.94
CE MSE D 33 25.35 8.30 15.40
N GLN D 34 28.80 3.65 19.83
CA GLN D 34 29.94 2.78 19.92
C GLN D 34 30.08 2.10 18.58
N ALA D 35 31.25 2.24 17.94
CA ALA D 35 31.43 1.69 16.59
C ALA D 35 32.63 0.78 16.49
N ILE D 36 32.43 -0.36 15.83
CA ILE D 36 33.53 -1.28 15.54
C ILE D 36 33.49 -1.57 14.04
N GLN D 37 34.62 -1.99 13.47
CA GLN D 37 34.61 -2.30 12.05
C GLN D 37 35.58 -3.41 11.66
N GLY D 38 35.25 -4.09 10.57
CA GLY D 38 36.16 -5.05 9.95
C GLY D 38 36.89 -4.34 8.84
N LYS D 39 36.55 -4.64 7.59
CA LYS D 39 37.04 -3.84 6.47
C LYS D 39 35.87 -3.26 5.69
N ASN D 40 34.95 -4.12 5.28
CA ASN D 40 33.78 -3.65 4.56
C ASN D 40 32.53 -3.49 5.42
N LEU D 41 32.62 -3.89 6.69
CA LEU D 41 31.48 -3.81 7.62
C LEU D 41 31.79 -2.95 8.83
N MSE D 42 30.86 -2.07 9.19
CA MSE D 42 30.90 -1.36 10.45
C MSE D 42 29.61 -1.61 11.23
O MSE D 42 28.51 -1.60 10.65
CB MSE D 42 31.10 0.15 10.25
CG MSE D 42 30.74 1.02 11.46
SE MSE D 42 30.88 2.92 11.12
CE MSE D 42 32.73 3.12 11.68
N LEU D 43 29.75 -1.84 12.53
CA LEU D 43 28.62 -2.01 13.43
C LEU D 43 28.65 -0.84 14.40
N ASN D 44 27.51 -0.17 14.51
CA ASN D 44 27.41 1.06 15.28
C ASN D 44 26.17 1.01 16.18
N TRP D 45 26.38 0.87 17.49
CA TRP D 45 25.31 0.87 18.49
C TRP D 45 24.98 2.29 18.84
N VAL D 46 23.78 2.73 18.48
CA VAL D 46 23.39 4.13 18.66
C VAL D 46 22.28 4.23 19.71
N ARG D 47 22.58 4.89 20.81
CA ARG D 47 21.56 5.23 21.81
C ARG D 47 21.10 6.66 21.58
N ILE D 48 19.81 6.82 21.33
CA ILE D 48 19.22 8.12 21.03
C ILE D 48 18.31 8.54 22.18
N GLU D 49 18.53 9.76 22.67
CA GLU D 49 17.75 10.31 23.76
C GLU D 49 16.27 10.48 23.35
N PRO D 50 15.36 10.55 24.35
CA PRO D 50 13.95 10.84 24.04
C PRO D 50 13.77 12.13 23.23
N ASN D 51 12.73 12.16 22.39
CA ASN D 51 12.31 13.37 21.67
C ASN D 51 13.45 14.08 20.97
N THR D 52 14.28 13.29 20.30
CA THR D 52 15.46 13.79 19.63
C THR D 52 15.27 13.51 18.15
N GLU D 53 15.72 14.44 17.33
CA GLU D 53 15.66 14.24 15.90
C GLU D 53 17.05 14.08 15.29
N MSE D 54 17.14 13.18 14.33
N MSE D 54 17.15 13.16 14.33
N MSE D 54 17.20 13.14 14.37
CA MSE D 54 18.28 13.07 13.44
CA MSE D 54 18.30 13.07 13.46
CA MSE D 54 18.35 13.17 13.49
C MSE D 54 17.88 13.73 12.14
C MSE D 54 17.89 13.72 12.14
C MSE D 54 17.90 13.76 12.19
O MSE D 54 17.00 13.21 11.43
O MSE D 54 17.02 13.20 11.44
O MSE D 54 17.00 13.20 11.54
CB MSE D 54 18.64 11.61 13.22
CB MSE D 54 18.71 11.62 13.24
CB MSE D 54 18.98 11.80 13.27
CG MSE D 54 19.82 11.38 12.28
CG MSE D 54 19.65 11.40 12.04
CG MSE D 54 18.02 10.78 12.80
SE MSE D 54 20.30 9.50 12.10
SE MSE D 54 21.49 12.02 12.33
SE MSE D 54 17.70 9.58 14.28
CE MSE D 54 18.81 8.87 11.02
CE MSE D 54 22.21 10.46 13.23
CE MSE D 54 19.22 8.40 13.97
N PRO D 55 18.50 14.88 11.79
CA PRO D 55 18.10 15.62 10.60
C PRO D 55 18.41 14.83 9.33
N ALA D 56 17.69 15.13 8.25
CA ALA D 56 17.82 14.41 7.00
C ALA D 56 19.23 14.45 6.41
N HIS D 57 19.72 13.27 6.03
CA HIS D 57 21.00 13.12 5.37
C HIS D 57 20.90 12.04 4.31
N GLU D 58 21.90 11.99 3.45
CA GLU D 58 22.12 10.83 2.59
C GLU D 58 23.60 10.53 2.57
N HIS D 59 23.97 9.26 2.38
CA HIS D 59 25.39 8.84 2.34
C HIS D 59 25.61 7.82 1.26
N PRO D 60 26.82 7.79 0.67
CA PRO D 60 27.05 6.78 -0.37
C PRO D 60 27.13 5.35 0.20
N HIS D 61 27.36 5.25 1.50
CA HIS D 61 27.42 3.96 2.18
C HIS D 61 26.06 3.36 2.27
N GLU D 62 25.96 2.04 2.07
CA GLU D 62 24.74 1.32 2.33
C GLU D 62 24.55 1.23 3.84
N GLN D 63 23.29 1.33 4.28
CA GLN D 63 22.95 1.26 5.69
C GLN D 63 21.85 0.24 5.93
N ALA D 64 21.98 -0.49 7.04
CA ALA D 64 20.88 -1.26 7.60
C ALA D 64 20.78 -0.96 9.09
N GLY D 65 19.64 -1.26 9.69
CA GLY D 65 19.47 -1.04 11.12
C GLY D 65 18.62 -2.13 11.74
N VAL D 66 18.95 -2.46 12.99
CA VAL D 66 18.20 -3.45 13.77
C VAL D 66 17.83 -2.78 15.09
N MSE D 67 16.53 -2.69 15.37
CA MSE D 67 16.06 -2.11 16.63
C MSE D 67 16.42 -3.03 17.79
O MSE D 67 16.22 -4.25 17.72
CB MSE D 67 14.54 -1.92 16.58
CG MSE D 67 14.07 -0.88 15.58
SE MSE D 67 14.81 0.89 15.97
CE MSE D 67 13.85 1.27 17.64
N LEU D 68 16.97 -2.44 18.85
CA LEU D 68 17.30 -3.22 20.06
C LEU D 68 16.41 -2.86 21.24
N GLU D 69 16.16 -1.57 21.45
CA GLU D 69 15.31 -1.07 22.53
C GLU D 69 14.52 0.13 22.04
N GLY D 70 13.36 0.36 22.64
CA GLY D 70 12.61 1.59 22.41
C GLY D 70 11.97 1.72 21.05
N THR D 71 11.84 2.96 20.59
CA THR D 71 11.00 3.27 19.43
C THR D 71 11.70 4.31 18.56
N LEU D 72 11.63 4.12 17.25
CA LEU D 72 12.23 5.04 16.31
C LEU D 72 11.31 5.20 15.11
N GLU D 73 10.96 6.44 14.81
CA GLU D 73 10.24 6.77 13.59
C GLU D 73 11.28 7.07 12.53
N LEU D 74 11.30 6.24 11.50
CA LEU D 74 12.24 6.42 10.40
C LEU D 74 11.49 6.80 9.13
N THR D 75 11.93 7.86 8.48
CA THR D 75 11.43 8.20 7.17
C THR D 75 12.55 7.96 6.16
N ILE D 76 12.32 7.03 5.22
CA ILE D 76 13.23 6.84 4.09
C ILE D 76 12.49 7.28 2.83
N GLY D 77 13.10 8.22 2.10
CA GLY D 77 12.38 8.94 1.05
C GLY D 77 11.22 9.67 1.70
N GLU D 78 10.00 9.37 1.26
CA GLU D 78 8.80 9.93 1.87
C GLU D 78 7.90 8.86 2.50
N GLU D 79 8.47 7.69 2.76
CA GLU D 79 7.79 6.62 3.50
C GLU D 79 8.21 6.69 4.97
N THR D 80 7.22 6.81 5.86
CA THR D 80 7.46 6.93 7.30
C THR D 80 6.95 5.68 8.02
N ARG D 81 7.82 5.03 8.79
CA ARG D 81 7.43 3.88 9.61
C ARG D 81 7.96 3.99 11.03
N VAL D 82 7.19 3.47 11.98
CA VAL D 82 7.60 3.41 13.37
C VAL D 82 8.18 2.03 13.64
N LEU D 83 9.43 2.00 14.10
CA LEU D 83 10.14 0.75 14.28
C LEU D 83 10.38 0.46 15.76
N ARG D 84 10.25 -0.81 16.13
CA ARG D 84 10.42 -1.28 17.51
C ARG D 84 11.21 -2.59 17.47
N PRO D 85 11.74 -3.05 18.64
CA PRO D 85 12.52 -4.29 18.61
C PRO D 85 11.74 -5.45 17.99
N GLY D 86 12.42 -6.20 17.12
CA GLY D 86 11.79 -7.22 16.29
C GLY D 86 11.81 -6.77 14.84
N MSE D 87 12.12 -5.49 14.62
CA MSE D 87 12.08 -4.92 13.28
C MSE D 87 13.46 -4.45 12.83
O MSE D 87 14.37 -4.28 13.64
CB MSE D 87 11.06 -3.78 13.22
CG MSE D 87 9.66 -4.22 13.61
SE MSE D 87 8.39 -2.78 13.52
CE MSE D 87 8.22 -2.64 11.58
N ALA D 88 13.60 -4.27 11.51
CA ALA D 88 14.85 -3.88 10.89
C ALA D 88 14.55 -3.07 9.62
N TYR D 89 15.58 -2.44 9.06
CA TYR D 89 15.42 -1.64 7.85
C TYR D 89 16.69 -1.65 7.01
N THR D 90 16.55 -1.40 5.72
CA THR D 90 17.71 -1.26 4.83
C THR D 90 17.57 -0.01 3.98
N ILE D 91 18.68 0.69 3.79
CA ILE D 91 18.73 1.94 3.02
C ILE D 91 19.86 1.88 2.00
N PRO D 92 19.54 1.83 0.71
CA PRO D 92 20.60 1.84 -0.30
C PRO D 92 21.42 3.12 -0.23
N GLY D 93 22.68 3.05 -0.69
CA GLY D 93 23.53 4.24 -0.80
C GLY D 93 22.84 5.34 -1.59
N GLY D 94 22.94 6.58 -1.10
CA GLY D 94 22.40 7.75 -1.81
C GLY D 94 20.95 8.10 -1.51
N VAL D 95 20.26 7.26 -0.76
CA VAL D 95 18.84 7.47 -0.46
C VAL D 95 18.67 8.34 0.79
N ARG D 96 17.89 9.40 0.66
CA ARG D 96 17.69 10.37 1.73
C ARG D 96 16.81 9.81 2.85
N HIS D 97 17.16 10.11 4.09
CA HIS D 97 16.38 9.65 5.25
C HIS D 97 16.57 10.52 6.46
N ARG D 98 15.59 10.50 7.35
CA ARG D 98 15.66 11.19 8.64
C ARG D 98 14.89 10.37 9.67
N ALA D 99 15.07 10.71 10.94
CA ALA D 99 14.43 9.95 12.02
C ALA D 99 14.20 10.77 13.28
N ARG D 100 13.29 10.31 14.13
CA ARG D 100 13.06 10.94 15.42
C ARG D 100 12.63 9.92 16.44
N THR D 101 12.96 10.20 17.70
CA THR D 101 12.47 9.41 18.82
C THR D 101 11.29 10.10 19.48
N PHE D 102 10.54 9.34 20.27
CA PHE D 102 9.44 9.86 21.08
C PHE D 102 9.85 9.77 22.55
N GLU D 103 8.91 9.51 23.46
CA GLU D 103 9.20 9.59 24.91
C GLU D 103 10.26 8.60 25.44
N ASP D 104 10.36 7.43 24.82
CA ASP D 104 11.23 6.37 25.36
C ASP D 104 12.68 6.40 24.86
N GLY D 105 12.94 7.11 23.77
CA GLY D 105 14.25 7.04 23.11
C GLY D 105 14.45 5.66 22.49
N CYS D 106 15.67 5.36 22.06
CA CYS D 106 15.93 4.03 21.51
C CYS D 106 17.41 3.62 21.55
N LEU D 107 17.62 2.31 21.37
CA LEU D 107 18.91 1.77 21.03
C LEU D 107 18.73 1.06 19.70
N VAL D 108 19.52 1.46 18.72
CA VAL D 108 19.47 0.82 17.40
C VAL D 108 20.88 0.42 16.98
N LEU D 109 20.98 -0.78 16.41
CA LEU D 109 22.24 -1.21 15.81
C LEU D 109 22.25 -0.83 14.35
N ASP D 110 23.10 0.15 13.99
CA ASP D 110 23.27 0.54 12.60
C ASP D 110 24.47 -0.19 12.01
N ILE D 111 24.31 -0.63 10.77
CA ILE D 111 25.32 -1.39 10.06
C ILE D 111 25.61 -0.62 8.77
N PHE D 112 26.89 -0.32 8.52
CA PHE D 112 27.29 0.38 7.31
C PHE D 112 28.23 -0.48 6.46
N SER D 113 28.01 -0.47 5.15
CA SER D 113 28.96 -1.03 4.21
C SER D 113 29.14 -0.07 3.03
N PRO D 114 30.38 0.41 2.79
CA PRO D 114 31.57 0.24 3.64
C PRO D 114 31.47 1.13 4.90
N PRO D 115 32.46 1.07 5.81
CA PRO D 115 32.37 1.84 7.05
C PRO D 115 32.31 3.35 6.83
N ARG D 116 31.57 4.05 7.68
CA ARG D 116 31.53 5.51 7.68
C ARG D 116 32.86 6.09 8.20
N GLU D 117 33.55 6.84 7.35
CA GLU D 117 34.87 7.39 7.70
C GLU D 117 34.81 8.33 8.89
N ASP D 118 33.74 9.12 8.98
CA ASP D 118 33.58 10.06 10.09
C ASP D 118 33.42 9.33 11.43
N TYR D 119 32.58 8.31 11.45
CA TYR D 119 32.40 7.51 12.65
C TYR D 119 33.66 6.71 13.03
N ALA D 120 34.38 6.22 12.02
CA ALA D 120 35.63 5.49 12.23
C ALA D 120 36.65 6.35 13.00
N ARG D 121 36.80 7.60 12.58
N ARG D 121 36.79 7.61 12.59
CA ARG D 121 37.75 8.51 13.22
CA ARG D 121 37.76 8.52 13.21
C ARG D 121 37.34 8.85 14.64
C ARG D 121 37.34 8.87 14.64
N MSE D 122 36.04 9.12 14.84
CA MSE D 122 35.51 9.43 16.17
C MSE D 122 35.62 8.24 17.11
O MSE D 122 35.91 8.42 18.30
CB MSE D 122 34.07 9.94 16.09
CG MSE D 122 33.95 11.33 15.45
SE MSE D 122 32.13 11.97 15.50
CE MSE D 122 31.59 11.59 13.70
N ALA D 123 35.40 7.04 16.59
CA ALA D 123 35.60 5.81 17.36
C ALA D 123 37.06 5.64 17.78
N GLU D 124 37.99 5.88 16.85
CA GLU D 124 39.44 5.87 17.11
C GLU D 124 39.86 6.87 18.18
N ASP D 125 39.23 8.04 18.18
CA ASP D 125 39.56 9.12 19.12
C ASP D 125 38.76 9.06 20.42
N ALA D 126 37.80 8.14 20.52
CA ALA D 126 36.90 8.08 21.68
C ALA D 126 37.63 7.78 22.98
N PHE E 12 20.24 2.63 -32.17
CA PHE E 12 19.26 3.67 -32.59
C PHE E 12 19.14 4.80 -31.55
N ALA E 13 18.55 5.93 -31.96
CA ALA E 13 18.30 7.04 -31.06
C ALA E 13 17.00 6.81 -30.29
N PRO E 14 16.98 7.17 -28.99
CA PRO E 14 15.72 7.11 -28.22
C PRO E 14 14.69 8.05 -28.82
N ALA E 15 13.41 7.73 -28.67
CA ALA E 15 12.36 8.53 -29.31
C ALA E 15 11.03 8.47 -28.56
N PHE E 16 10.32 9.60 -28.61
CA PHE E 16 8.94 9.69 -28.12
C PHE E 16 8.02 9.72 -29.32
N TYR E 17 6.86 9.07 -29.21
CA TYR E 17 5.90 9.03 -30.31
C TYR E 17 4.52 9.47 -29.87
N ASP E 18 3.85 10.23 -30.74
CA ASP E 18 2.47 10.59 -30.54
C ASP E 18 1.71 9.95 -31.71
N LEU E 19 0.79 9.04 -31.39
CA LEU E 19 0.09 8.26 -32.43
C LEU E 19 -0.81 9.07 -33.36
N THR E 20 -1.25 10.24 -32.91
CA THR E 20 -1.96 11.15 -33.81
C THR E 20 -1.02 11.70 -34.91
N GLU E 21 0.29 11.56 -34.71
CA GLU E 21 1.28 12.04 -35.68
C GLU E 21 1.89 10.94 -36.56
N VAL E 22 1.70 9.68 -36.18
CA VAL E 22 2.23 8.57 -36.97
C VAL E 22 1.24 8.22 -38.08
N ARG E 23 1.67 8.30 -39.34
CA ARG E 23 0.77 8.06 -40.47
C ARG E 23 0.42 6.59 -40.58
N SER E 24 -0.76 6.29 -41.12
CA SER E 24 -1.18 4.90 -41.23
C SER E 24 -1.03 4.36 -42.66
N PHE E 25 -0.89 3.04 -42.76
CA PHE E 25 -0.87 2.35 -44.04
C PHE E 25 -1.85 1.18 -43.99
N SER E 26 -2.24 0.69 -45.16
CA SER E 26 -3.20 -0.39 -45.24
C SER E 26 -2.62 -1.49 -46.13
N PRO E 27 -2.26 -2.65 -45.54
CA PRO E 27 -1.74 -3.77 -46.34
C PRO E 27 -2.83 -4.56 -47.05
N LEU E 28 -4.08 -4.39 -46.60
CA LEU E 28 -5.20 -5.21 -47.03
C LEU E 28 -6.47 -4.42 -46.68
N PRO E 29 -7.50 -4.47 -47.57
CA PRO E 29 -8.71 -3.69 -47.26
C PRO E 29 -9.29 -4.06 -45.90
N GLY E 30 -9.65 -3.05 -45.11
CA GLY E 30 -10.23 -3.26 -43.78
C GLY E 30 -9.22 -3.18 -42.65
N PHE E 31 -7.94 -3.02 -43.00
CA PHE E 31 -6.84 -2.90 -42.02
C PHE E 31 -6.13 -1.57 -42.16
N ALA E 32 -6.02 -0.85 -41.04
CA ALA E 32 -5.24 0.37 -40.98
C ALA E 32 -4.19 0.18 -39.90
N MSE E 33 -2.93 0.48 -40.22
CA MSE E 33 -1.83 0.19 -39.30
C MSE E 33 -0.93 1.39 -39.11
O MSE E 33 -0.74 2.18 -40.03
CB MSE E 33 -0.96 -0.97 -39.82
CG MSE E 33 -1.71 -2.27 -39.98
SE MSE E 33 -0.53 -3.65 -40.63
CE MSE E 33 -1.74 -5.14 -40.28
N GLN E 34 -0.40 1.52 -37.90
CA GLN E 34 0.64 2.50 -37.60
C GLN E 34 1.76 1.73 -36.96
N ALA E 35 2.96 1.82 -37.53
CA ALA E 35 4.08 1.04 -37.01
C ALA E 35 5.27 1.93 -36.68
N ILE E 36 5.89 1.64 -35.55
CA ILE E 36 7.14 2.27 -35.17
C ILE E 36 8.11 1.17 -34.76
N GLN E 37 9.40 1.49 -34.72
CA GLN E 37 10.36 0.48 -34.28
C GLN E 37 11.57 1.09 -33.58
N GLY E 38 12.23 0.26 -32.78
CA GLY E 38 13.52 0.60 -32.20
C GLY E 38 14.58 -0.06 -33.06
N LYS E 39 15.07 -1.21 -32.61
CA LYS E 39 15.95 -2.04 -33.44
C LYS E 39 15.44 -3.47 -33.45
N ASN E 40 15.38 -4.09 -32.26
CA ASN E 40 14.84 -5.44 -32.10
C ASN E 40 13.31 -5.45 -32.06
N LEU E 41 12.69 -4.32 -31.75
CA LEU E 41 11.25 -4.26 -31.47
C LEU E 41 10.48 -3.41 -32.47
N MSE E 42 9.34 -3.91 -32.92
CA MSE E 42 8.38 -3.12 -33.69
C MSE E 42 7.03 -3.14 -32.98
O MSE E 42 6.54 -4.20 -32.58
CB MSE E 42 8.24 -3.64 -35.12
CG MSE E 42 6.94 -3.21 -35.81
SE MSE E 42 6.75 -3.95 -37.58
CE MSE E 42 7.97 -2.71 -38.47
N LEU E 43 6.44 -1.96 -32.82
CA LEU E 43 5.09 -1.83 -32.28
C LEU E 43 4.15 -1.45 -33.41
N ASN E 44 3.02 -2.13 -33.50
CA ASN E 44 2.13 -1.96 -34.64
C ASN E 44 0.66 -1.88 -34.19
N TRP E 45 0.07 -0.68 -34.26
CA TRP E 45 -1.34 -0.49 -33.88
C TRP E 45 -2.20 -0.79 -35.06
N VAL E 46 -3.07 -1.79 -34.91
CA VAL E 46 -3.86 -2.27 -36.05
C VAL E 46 -5.34 -2.02 -35.79
N ARG E 47 -5.95 -1.18 -36.63
CA ARG E 47 -7.40 -0.96 -36.55
C ARG E 47 -8.08 -1.77 -37.65
N ILE E 48 -8.94 -2.70 -37.24
CA ILE E 48 -9.60 -3.61 -38.16
C ILE E 48 -11.09 -3.26 -38.23
N GLU E 49 -11.58 -3.06 -39.45
N GLU E 49 -11.59 -3.06 -39.45
CA GLU E 49 -13.00 -2.77 -39.70
CA GLU E 49 -13.00 -2.76 -39.69
C GLU E 49 -13.90 -3.91 -39.23
C GLU E 49 -13.91 -3.92 -39.28
N PRO E 50 -15.21 -3.62 -39.00
CA PRO E 50 -16.16 -4.70 -38.68
C PRO E 50 -16.21 -5.80 -39.74
N ASN E 51 -16.49 -7.04 -39.34
CA ASN E 51 -16.76 -8.15 -40.26
C ASN E 51 -15.68 -8.35 -41.32
N THR E 52 -14.43 -8.36 -40.87
CA THR E 52 -13.29 -8.42 -41.76
C THR E 52 -12.44 -9.61 -41.34
N GLU E 53 -11.90 -10.31 -42.32
CA GLU E 53 -11.04 -11.47 -42.04
C GLU E 53 -9.56 -11.16 -42.31
N MSE E 54 -8.72 -11.68 -41.41
N MSE E 54 -8.70 -11.63 -41.41
CA MSE E 54 -7.28 -11.72 -41.59
CA MSE E 54 -7.26 -11.67 -41.66
C MSE E 54 -6.94 -13.13 -42.05
C MSE E 54 -6.91 -13.09 -42.06
O MSE E 54 -7.06 -14.06 -41.27
O MSE E 54 -7.03 -14.01 -41.24
CB MSE E 54 -6.58 -11.40 -40.27
CB MSE E 54 -6.47 -11.24 -40.43
CG MSE E 54 -5.07 -11.26 -40.35
CG MSE E 54 -4.94 -11.48 -40.51
SE MSE E 54 -4.31 -10.68 -38.64
SE MSE E 54 -3.99 -10.60 -42.00
CE MSE E 54 -4.24 -12.41 -37.73
CE MSE E 54 -2.39 -10.03 -41.06
N PRO E 55 -6.53 -13.30 -43.33
CA PRO E 55 -6.21 -14.65 -43.84
C PRO E 55 -5.05 -15.31 -43.05
N ALA E 56 -5.01 -16.63 -43.05
CA ALA E 56 -3.98 -17.39 -42.31
C ALA E 56 -2.56 -17.07 -42.78
N HIS E 57 -1.66 -16.89 -41.83
CA HIS E 57 -0.25 -16.65 -42.13
C HIS E 57 0.63 -17.21 -41.04
N GLU E 58 1.91 -17.33 -41.35
CA GLU E 58 2.93 -17.61 -40.36
C GLU E 58 4.15 -16.80 -40.73
N HIS E 59 4.96 -16.44 -39.73
CA HIS E 59 6.11 -15.58 -39.95
C HIS E 59 7.20 -16.04 -39.05
N PRO E 60 8.48 -15.89 -39.47
CA PRO E 60 9.57 -16.31 -38.57
C PRO E 60 9.72 -15.36 -37.37
N HIS E 61 9.20 -14.14 -37.49
CA HIS E 61 9.25 -13.16 -36.41
C HIS E 61 8.37 -13.62 -35.29
N GLU E 62 8.83 -13.46 -34.06
CA GLU E 62 7.99 -13.64 -32.87
C GLU E 62 6.98 -12.51 -32.78
N GLN E 63 5.75 -12.83 -32.37
CA GLN E 63 4.71 -11.82 -32.22
C GLN E 63 4.04 -11.94 -30.84
N ALA E 64 3.63 -10.79 -30.30
CA ALA E 64 2.74 -10.73 -29.15
C ALA E 64 1.72 -9.65 -29.43
N GLY E 65 0.56 -9.74 -28.78
CA GLY E 65 -0.51 -8.80 -29.06
C GLY E 65 -1.31 -8.46 -27.82
N VAL E 66 -1.85 -7.24 -27.79
CA VAL E 66 -2.63 -6.73 -26.68
C VAL E 66 -3.90 -6.08 -27.22
N MSE E 67 -5.05 -6.58 -26.80
CA MSE E 67 -6.32 -5.98 -27.20
C MSE E 67 -6.50 -4.59 -26.57
O MSE E 67 -6.33 -4.43 -25.36
CB MSE E 67 -7.50 -6.87 -26.81
CG MSE E 67 -7.55 -8.20 -27.56
SE MSE E 67 -7.83 -7.97 -29.48
CE MSE E 67 -9.53 -7.00 -29.49
N LEU E 68 -6.81 -3.60 -27.40
CA LEU E 68 -7.04 -2.24 -26.94
C LEU E 68 -8.51 -1.83 -26.99
N GLU E 69 -9.20 -2.16 -28.09
CA GLU E 69 -10.63 -1.82 -28.24
C GLU E 69 -11.34 -2.92 -29.00
N GLY E 70 -12.65 -3.07 -28.75
CA GLY E 70 -13.49 -3.96 -29.56
C GLY E 70 -13.27 -5.44 -29.36
N THR E 71 -13.43 -6.21 -30.43
CA THR E 71 -13.50 -7.66 -30.34
C THR E 71 -12.77 -8.31 -31.50
N LEU E 72 -12.04 -9.38 -31.21
CA LEU E 72 -11.32 -10.10 -32.24
C LEU E 72 -11.31 -11.61 -31.96
N GLU E 73 -11.74 -12.41 -32.93
N GLU E 73 -11.77 -12.39 -32.93
CA GLU E 73 -11.63 -13.86 -32.82
CA GLU E 73 -11.62 -13.83 -32.86
C GLU E 73 -10.32 -14.30 -33.46
C GLU E 73 -10.25 -14.14 -33.44
N LEU E 74 -9.38 -14.74 -32.62
CA LEU E 74 -8.02 -15.05 -33.04
C LEU E 74 -7.72 -16.53 -32.90
N THR E 75 -7.25 -17.14 -33.99
CA THR E 75 -6.82 -18.52 -34.01
C THR E 75 -5.29 -18.53 -33.97
N ILE E 76 -4.73 -19.21 -32.98
CA ILE E 76 -3.29 -19.44 -32.94
C ILE E 76 -3.07 -20.95 -32.93
N GLY E 77 -2.43 -21.46 -33.98
CA GLY E 77 -2.28 -22.91 -34.15
C GLY E 77 -3.66 -23.56 -34.22
N GLU E 78 -3.94 -24.46 -33.30
CA GLU E 78 -5.24 -25.15 -33.30
C GLU E 78 -6.24 -24.66 -32.25
N GLU E 79 -5.93 -23.52 -31.62
CA GLU E 79 -6.83 -22.94 -30.62
C GLU E 79 -7.35 -21.57 -31.03
N THR E 80 -8.66 -21.37 -30.87
CA THR E 80 -9.30 -20.11 -31.19
C THR E 80 -10.00 -19.55 -29.96
N ARG E 81 -9.83 -18.25 -29.73
N ARG E 81 -9.83 -18.25 -29.70
CA ARG E 81 -10.51 -17.54 -28.64
CA ARG E 81 -10.60 -17.58 -28.65
C ARG E 81 -11.05 -16.19 -29.13
C ARG E 81 -11.05 -16.19 -29.09
N VAL E 82 -12.20 -15.79 -28.59
CA VAL E 82 -12.75 -14.45 -28.86
C VAL E 82 -12.13 -13.53 -27.82
N LEU E 83 -11.40 -12.52 -28.30
CA LEU E 83 -10.63 -11.63 -27.44
C LEU E 83 -11.22 -10.22 -27.36
N ARG E 84 -11.09 -9.64 -26.18
CA ARG E 84 -11.56 -8.28 -25.88
C ARG E 84 -10.49 -7.60 -25.01
N PRO E 85 -10.56 -6.26 -24.82
CA PRO E 85 -9.61 -5.59 -23.94
C PRO E 85 -9.53 -6.29 -22.59
N GLY E 86 -8.32 -6.46 -22.08
CA GLY E 86 -8.08 -7.34 -20.93
C GLY E 86 -7.44 -8.66 -21.32
N MSE E 87 -7.37 -8.94 -22.63
CA MSE E 87 -6.70 -10.14 -23.15
C MSE E 87 -5.40 -9.78 -23.88
O MSE E 87 -5.26 -8.68 -24.43
CB MSE E 87 -7.61 -10.94 -24.11
CG MSE E 87 -8.96 -11.40 -23.55
SE MSE E 87 -8.81 -12.63 -22.07
CE MSE E 87 -8.19 -14.23 -23.03
N ALA E 88 -4.46 -10.74 -23.88
CA ALA E 88 -3.24 -10.66 -24.66
C ALA E 88 -2.89 -12.05 -25.22
N TYR E 89 -1.90 -12.10 -26.11
CA TYR E 89 -1.51 -13.37 -26.70
C TYR E 89 -0.06 -13.34 -27.15
N THR E 90 0.53 -14.53 -27.29
CA THR E 90 1.88 -14.70 -27.83
C THR E 90 1.86 -15.73 -28.97
N ILE E 91 2.62 -15.45 -30.03
CA ILE E 91 2.71 -16.34 -31.19
C ILE E 91 4.19 -16.56 -31.53
N PRO E 92 4.70 -17.78 -31.26
CA PRO E 92 6.08 -18.10 -31.62
C PRO E 92 6.27 -18.05 -33.13
N GLY E 93 7.50 -17.77 -33.56
CA GLY E 93 7.82 -17.79 -34.99
C GLY E 93 7.42 -19.11 -35.62
N GLY E 94 6.79 -19.04 -36.79
CA GLY E 94 6.40 -20.25 -37.53
C GLY E 94 5.02 -20.80 -37.21
N VAL E 95 4.39 -20.30 -36.15
CA VAL E 95 3.05 -20.79 -35.78
C VAL E 95 1.96 -20.06 -36.59
N ARG E 96 1.10 -20.84 -37.23
CA ARG E 96 0.07 -20.30 -38.10
C ARG E 96 -1.02 -19.64 -37.28
N HIS E 97 -1.55 -18.53 -37.80
CA HIS E 97 -2.62 -17.79 -37.13
C HIS E 97 -3.50 -17.07 -38.11
N ARG E 98 -4.75 -16.85 -37.71
CA ARG E 98 -5.72 -16.12 -38.53
C ARG E 98 -6.70 -15.46 -37.58
N ALA E 99 -7.50 -14.53 -38.10
CA ALA E 99 -8.42 -13.77 -37.25
C ALA E 99 -9.61 -13.25 -38.02
N ARG E 100 -10.66 -12.86 -37.30
CA ARG E 100 -11.78 -12.14 -37.89
C ARG E 100 -12.43 -11.24 -36.84
N THR E 101 -13.02 -10.15 -37.31
CA THR E 101 -13.81 -9.26 -36.46
C THR E 101 -15.29 -9.49 -36.68
N PHE E 102 -16.09 -8.96 -35.75
CA PHE E 102 -17.55 -8.99 -35.85
C PHE E 102 -18.07 -7.56 -36.01
N GLU E 103 -19.24 -7.25 -35.47
CA GLU E 103 -19.90 -5.96 -35.77
C GLU E 103 -19.16 -4.70 -35.29
N ASP E 104 -18.37 -4.82 -34.23
CA ASP E 104 -17.71 -3.66 -33.61
C ASP E 104 -16.29 -3.34 -34.14
N GLY E 105 -15.67 -4.29 -34.83
CA GLY E 105 -14.27 -4.13 -35.24
C GLY E 105 -13.35 -4.18 -34.04
N CYS E 106 -12.09 -3.80 -34.22
CA CYS E 106 -11.16 -3.80 -33.10
C CYS E 106 -9.95 -2.90 -33.29
N LEU E 107 -9.26 -2.66 -32.19
CA LEU E 107 -7.93 -2.05 -32.22
C LEU E 107 -7.06 -2.96 -31.37
N VAL E 108 -5.98 -3.46 -31.97
CA VAL E 108 -5.08 -4.38 -31.31
C VAL E 108 -3.65 -3.87 -31.49
N LEU E 109 -2.87 -3.91 -30.43
CA LEU E 109 -1.45 -3.59 -30.52
C LEU E 109 -0.66 -4.88 -30.73
N ASP E 110 -0.04 -4.99 -31.90
CA ASP E 110 0.83 -6.11 -32.23
C ASP E 110 2.29 -5.72 -32.07
N ILE E 111 3.09 -6.64 -31.51
CA ILE E 111 4.49 -6.42 -31.22
C ILE E 111 5.29 -7.51 -31.94
N PHE E 112 6.31 -7.10 -32.68
CA PHE E 112 7.17 -8.06 -33.39
C PHE E 112 8.63 -7.94 -32.97
N SER E 113 9.31 -9.08 -32.91
CA SER E 113 10.76 -9.14 -32.77
C SER E 113 11.28 -10.28 -33.65
N PRO E 114 12.19 -9.99 -34.58
CA PRO E 114 12.63 -8.64 -34.99
C PRO E 114 11.54 -7.94 -35.81
N PRO E 115 11.74 -6.67 -36.22
CA PRO E 115 10.69 -5.98 -36.98
C PRO E 115 10.31 -6.70 -38.30
N ARG E 116 9.04 -6.57 -38.68
CA ARG E 116 8.58 -7.09 -39.97
C ARG E 116 9.07 -6.19 -41.09
N GLU E 117 9.80 -6.78 -42.04
CA GLU E 117 10.39 -6.01 -43.15
C GLU E 117 9.31 -5.39 -44.05
N ASP E 118 8.21 -6.12 -44.27
CA ASP E 118 7.14 -5.60 -45.11
C ASP E 118 6.47 -4.37 -44.48
N TYR E 119 6.11 -4.47 -43.20
CA TYR E 119 5.50 -3.35 -42.48
C TYR E 119 6.45 -2.16 -42.31
N ALA E 120 7.74 -2.44 -42.12
CA ALA E 120 8.75 -1.39 -41.99
C ALA E 120 8.84 -0.54 -43.27
N ARG E 121 8.82 -1.20 -44.43
CA ARG E 121 8.83 -0.51 -45.72
C ARG E 121 7.56 0.32 -45.90
N MSE E 122 6.41 -0.28 -45.57
CA MSE E 122 5.14 0.43 -45.69
C MSE E 122 5.04 1.63 -44.75
O MSE E 122 4.50 2.67 -45.12
CB MSE E 122 3.96 -0.51 -45.50
CG MSE E 122 3.92 -1.67 -46.49
SE MSE E 122 2.36 -2.76 -46.17
CE MSE E 122 3.16 -4.51 -46.35
N ALA E 123 5.58 1.48 -43.53
CA ALA E 123 5.63 2.58 -42.56
C ALA E 123 6.56 3.71 -42.99
N GLU E 124 7.70 3.35 -43.58
CA GLU E 124 8.65 4.33 -44.12
C GLU E 124 8.03 5.11 -45.28
N ASP E 125 7.16 4.46 -46.04
CA ASP E 125 6.49 5.05 -47.19
C ASP E 125 5.17 5.75 -46.81
N ALA E 126 4.73 5.57 -45.57
CA ALA E 126 3.42 6.06 -45.12
C ALA E 126 3.33 7.58 -45.14
N PHE F 12 8.08 -20.59 -26.79
CA PHE F 12 7.99 -21.98 -27.34
C PHE F 12 6.55 -22.36 -27.66
N ALA F 13 5.67 -22.30 -26.65
CA ALA F 13 4.27 -22.65 -26.82
C ALA F 13 3.39 -21.40 -26.96
N PRO F 14 2.58 -21.34 -28.04
CA PRO F 14 1.65 -20.22 -28.23
C PRO F 14 0.65 -20.18 -27.09
N ALA F 15 0.05 -19.02 -26.83
CA ALA F 15 -0.77 -18.87 -25.65
C ALA F 15 -1.67 -17.63 -25.68
N PHE F 16 -2.82 -17.75 -25.01
CA PHE F 16 -3.73 -16.62 -24.78
C PHE F 16 -3.63 -16.29 -23.30
N TYR F 17 -3.72 -15.00 -22.98
CA TYR F 17 -3.54 -14.56 -21.60
C TYR F 17 -4.68 -13.66 -21.18
N ASP F 18 -5.19 -13.92 -19.97
CA ASP F 18 -6.26 -13.13 -19.36
C ASP F 18 -5.66 -12.30 -18.23
N LEU F 19 -5.71 -10.97 -18.36
CA LEU F 19 -5.08 -10.08 -17.38
C LEU F 19 -5.81 -9.99 -16.02
N THR F 20 -6.96 -10.63 -15.91
CA THR F 20 -7.55 -10.82 -14.59
C THR F 20 -6.85 -11.97 -13.87
N GLU F 21 -6.13 -12.80 -14.63
CA GLU F 21 -5.52 -14.01 -14.08
C GLU F 21 -3.99 -14.01 -14.01
N VAL F 22 -3.34 -13.27 -14.91
CA VAL F 22 -1.87 -13.21 -14.89
C VAL F 22 -1.45 -12.62 -13.56
N ARG F 23 -0.64 -13.34 -12.81
CA ARG F 23 -0.39 -13.00 -11.42
C ARG F 23 0.38 -11.71 -11.25
N SER F 24 -0.14 -10.83 -10.40
CA SER F 24 0.48 -9.55 -10.11
C SER F 24 1.61 -9.71 -9.11
N PHE F 25 2.68 -8.95 -9.27
CA PHE F 25 3.79 -8.94 -8.30
C PHE F 25 4.32 -7.52 -8.16
N SER F 26 5.04 -7.26 -7.08
CA SER F 26 5.56 -5.92 -6.82
C SER F 26 7.09 -5.93 -6.83
N PRO F 27 7.70 -5.53 -7.96
CA PRO F 27 9.16 -5.54 -8.08
C PRO F 27 9.82 -4.41 -7.30
N LEU F 28 9.08 -3.32 -7.06
CA LEU F 28 9.57 -2.12 -6.37
C LEU F 28 8.41 -1.43 -5.64
N PRO F 29 8.70 -0.63 -4.61
CA PRO F 29 7.62 0.11 -3.93
C PRO F 29 6.87 1.03 -4.90
N GLY F 30 5.54 1.03 -4.83
CA GLY F 30 4.71 1.84 -5.72
C GLY F 30 4.46 1.24 -7.10
N PHE F 31 5.06 0.08 -7.38
CA PHE F 31 4.90 -0.61 -8.65
C PHE F 31 4.21 -1.97 -8.47
N ALA F 32 3.17 -2.23 -9.25
CA ALA F 32 2.54 -3.54 -9.34
C ALA F 32 2.60 -3.94 -10.80
N MSE F 33 2.94 -5.20 -11.07
CA MSE F 33 3.28 -5.62 -12.43
C MSE F 33 2.75 -7.00 -12.79
O MSE F 33 2.70 -7.90 -11.94
CB MSE F 33 4.80 -5.59 -12.57
CG MSE F 33 5.33 -5.82 -13.95
SE MSE F 33 7.26 -5.87 -13.86
CE MSE F 33 7.58 -4.03 -13.27
N GLN F 34 2.35 -7.17 -14.05
CA GLN F 34 2.04 -8.49 -14.61
C GLN F 34 2.92 -8.68 -15.83
N ALA F 35 3.51 -9.86 -15.95
CA ALA F 35 4.48 -10.12 -17.01
C ALA F 35 4.13 -11.38 -17.78
N ILE F 36 4.26 -11.32 -19.10
CA ILE F 36 4.20 -12.50 -19.95
C ILE F 36 5.40 -12.45 -20.90
N GLN F 37 5.80 -13.61 -21.43
CA GLN F 37 6.91 -13.68 -22.37
C GLN F 37 6.80 -14.82 -23.38
N GLY F 38 7.43 -14.63 -24.53
CA GLY F 38 7.78 -15.72 -25.43
C GLY F 38 9.28 -15.90 -25.31
N LYS F 39 9.93 -16.28 -26.40
CA LYS F 39 11.38 -16.49 -26.37
C LYS F 39 12.12 -15.14 -26.30
N ASN F 40 11.78 -14.23 -27.21
CA ASN F 40 12.50 -12.94 -27.32
C ASN F 40 11.74 -11.70 -26.86
N LEU F 41 10.43 -11.82 -26.66
CA LEU F 41 9.60 -10.70 -26.23
C LEU F 41 9.09 -10.90 -24.81
N MSE F 42 9.14 -9.84 -24.01
CA MSE F 42 8.45 -9.79 -22.72
C MSE F 42 7.58 -8.54 -22.66
O MSE F 42 7.99 -7.46 -23.10
CB MSE F 42 9.46 -9.79 -21.56
CG MSE F 42 8.82 -9.46 -20.21
SE MSE F 42 10.11 -9.46 -18.76
CE MSE F 42 10.10 -11.38 -18.33
N LEU F 43 6.36 -8.71 -22.14
CA LEU F 43 5.42 -7.62 -21.96
C LEU F 43 5.13 -7.49 -20.48
N ASN F 44 5.14 -6.25 -19.98
CA ASN F 44 4.83 -5.97 -18.59
C ASN F 44 3.74 -4.91 -18.49
N TRP F 45 2.65 -5.24 -17.79
CA TRP F 45 1.62 -4.25 -17.45
C TRP F 45 1.99 -3.67 -16.14
N VAL F 46 2.44 -2.42 -16.15
CA VAL F 46 2.99 -1.79 -14.94
C VAL F 46 2.05 -0.72 -14.37
N ARG F 47 1.47 -1.01 -13.20
CA ARG F 47 0.63 -0.05 -12.49
C ARG F 47 1.54 0.77 -11.61
N ILE F 48 1.58 2.08 -11.82
CA ILE F 48 2.41 2.93 -10.95
C ILE F 48 1.54 3.82 -10.07
N GLU F 49 1.77 3.74 -8.75
CA GLU F 49 1.01 4.53 -7.79
C GLU F 49 1.18 6.03 -8.02
N PRO F 50 0.17 6.83 -7.62
CA PRO F 50 0.27 8.28 -7.66
C PRO F 50 1.53 8.80 -6.98
N ASN F 51 2.10 9.87 -7.51
CA ASN F 51 3.21 10.57 -6.84
C ASN F 51 4.41 9.66 -6.52
N THR F 52 4.77 8.79 -7.46
CA THR F 52 5.88 7.85 -7.29
C THR F 52 7.01 8.24 -8.23
N GLU F 53 8.25 8.05 -7.79
CA GLU F 53 9.44 8.35 -8.58
C GLU F 53 10.24 7.09 -8.87
N MSE F 54 10.59 6.88 -10.14
CA MSE F 54 11.53 5.83 -10.53
C MSE F 54 12.89 6.50 -10.74
O MSE F 54 13.03 7.31 -11.65
CB MSE F 54 11.05 5.10 -11.78
CG MSE F 54 11.97 3.97 -12.28
SE MSE F 54 12.28 2.59 -10.94
CE MSE F 54 13.25 1.28 -12.02
N PRO F 55 13.90 6.17 -9.90
CA PRO F 55 15.21 6.81 -10.02
C PRO F 55 15.94 6.45 -11.32
N ALA F 56 16.92 7.28 -11.70
CA ALA F 56 17.71 7.08 -12.91
C ALA F 56 18.33 5.69 -12.95
N HIS F 57 18.14 5.00 -14.06
CA HIS F 57 18.65 3.63 -14.22
C HIS F 57 18.75 3.28 -15.68
N GLU F 58 19.30 2.10 -15.96
CA GLU F 58 19.45 1.61 -17.33
C GLU F 58 19.37 0.08 -17.37
N HIS F 59 18.94 -0.45 -18.50
CA HIS F 59 18.99 -1.90 -18.76
C HIS F 59 19.73 -2.15 -20.03
N PRO F 60 20.48 -3.28 -20.11
CA PRO F 60 21.12 -3.63 -21.39
C PRO F 60 20.10 -4.05 -22.47
N HIS F 61 18.92 -4.50 -22.04
CA HIS F 61 17.86 -4.89 -22.97
C HIS F 61 17.25 -3.68 -23.61
N GLU F 62 16.85 -3.83 -24.87
CA GLU F 62 16.08 -2.80 -25.56
C GLU F 62 14.67 -2.75 -24.95
N GLN F 63 14.12 -1.55 -24.83
CA GLN F 63 12.78 -1.39 -24.29
C GLN F 63 11.91 -0.46 -25.13
N ALA F 64 10.61 -0.73 -25.12
CA ALA F 64 9.62 0.22 -25.60
C ALA F 64 8.50 0.36 -24.55
N GLY F 65 7.78 1.46 -24.59
CA GLY F 65 6.65 1.68 -23.66
C GLY F 65 5.45 2.24 -24.38
N VAL F 66 4.25 1.86 -23.90
CA VAL F 66 2.98 2.34 -24.46
C VAL F 66 2.08 2.71 -23.29
N MSE F 67 1.67 3.98 -23.24
CA MSE F 67 0.76 4.47 -22.20
C MSE F 67 -0.61 3.86 -22.35
O MSE F 67 -1.19 3.90 -23.45
CB MSE F 67 0.65 5.99 -22.22
CG MSE F 67 1.93 6.74 -21.85
SE MSE F 67 2.59 6.31 -20.08
CE MSE F 67 1.08 6.92 -18.99
N LEU F 68 -1.15 3.32 -21.27
CA LEU F 68 -2.49 2.73 -21.31
C LEU F 68 -3.51 3.54 -20.51
N GLU F 69 -3.07 4.08 -19.37
CA GLU F 69 -3.94 4.89 -18.50
C GLU F 69 -3.11 5.92 -17.76
N GLY F 70 -3.70 7.07 -17.48
CA GLY F 70 -3.12 8.04 -16.58
C GLY F 70 -2.00 8.85 -17.21
N THR F 71 -1.00 9.18 -16.40
CA THR F 71 0.02 10.14 -16.80
C THR F 71 1.37 9.71 -16.25
N LEU F 72 2.39 9.87 -17.08
CA LEU F 72 3.75 9.57 -16.68
C LEU F 72 4.69 10.61 -17.24
N GLU F 73 5.51 11.20 -16.39
CA GLU F 73 6.58 12.07 -16.84
C GLU F 73 7.84 11.24 -17.00
N LEU F 74 8.33 11.13 -18.22
CA LEU F 74 9.46 10.28 -18.53
C LEU F 74 10.62 11.11 -19.05
N THR F 75 11.80 10.89 -18.46
CA THR F 75 13.03 11.50 -18.93
C THR F 75 13.93 10.43 -19.54
N ILE F 76 14.20 10.54 -20.83
CA ILE F 76 15.19 9.66 -21.48
C ILE F 76 16.39 10.51 -21.87
N GLY F 77 17.57 10.09 -21.44
CA GLY F 77 18.77 10.91 -21.56
C GLY F 77 18.53 12.26 -20.92
N GLU F 78 18.52 13.30 -21.74
CA GLU F 78 18.33 14.68 -21.30
C GLU F 78 16.96 15.26 -21.66
N GLU F 79 16.10 14.45 -22.27
CA GLU F 79 14.79 14.92 -22.73
C GLU F 79 13.66 14.43 -21.83
N THR F 80 12.85 15.36 -21.33
CA THR F 80 11.70 15.02 -20.47
C THR F 80 10.38 15.29 -21.19
N ARG F 81 9.46 14.34 -21.13
CA ARG F 81 8.13 14.54 -21.69
C ARG F 81 7.02 13.95 -20.80
N VAL F 82 5.91 14.66 -20.71
CA VAL F 82 4.70 14.20 -20.00
C VAL F 82 3.89 13.36 -20.97
N LEU F 83 3.70 12.07 -20.66
CA LEU F 83 3.03 11.15 -21.58
C LEU F 83 1.64 10.73 -21.10
N ARG F 84 0.73 10.55 -22.04
CA ARG F 84 -0.65 10.11 -21.77
C ARG F 84 -1.01 9.02 -22.79
N PRO F 85 -2.13 8.28 -22.58
CA PRO F 85 -2.54 7.34 -23.61
C PRO F 85 -2.61 8.00 -24.98
N GLY F 86 -2.10 7.30 -25.99
CA GLY F 86 -1.91 7.88 -27.33
C GLY F 86 -0.44 8.09 -27.61
N MSE F 87 0.39 7.96 -26.58
CA MSE F 87 1.83 8.11 -26.74
C MSE F 87 2.62 6.82 -26.45
O MSE F 87 2.14 5.93 -25.75
CB MSE F 87 2.35 9.29 -25.91
CG MSE F 87 1.75 10.62 -26.38
SE MSE F 87 2.30 12.13 -25.35
CE MSE F 87 4.10 12.28 -26.11
N ALA F 88 3.81 6.75 -27.03
CA ALA F 88 4.70 5.62 -26.88
C ALA F 88 6.15 6.10 -26.90
N TYR F 89 7.07 5.22 -26.52
CA TYR F 89 8.50 5.53 -26.54
C TYR F 89 9.39 4.31 -26.78
N THR F 90 10.61 4.57 -27.25
CA THR F 90 11.63 3.55 -27.45
C THR F 90 12.91 3.94 -26.70
N ILE F 91 13.49 2.98 -25.99
CA ILE F 91 14.73 3.19 -25.23
C ILE F 91 15.76 2.13 -25.60
N PRO F 92 16.84 2.53 -26.31
CA PRO F 92 17.91 1.57 -26.62
C PRO F 92 18.55 1.03 -25.35
N GLY F 93 19.14 -0.15 -25.43
CA GLY F 93 19.88 -0.72 -24.30
C GLY F 93 20.96 0.23 -23.81
N GLY F 94 21.10 0.33 -22.49
CA GLY F 94 22.16 1.16 -21.89
C GLY F 94 21.84 2.64 -21.76
N VAL F 95 20.71 3.08 -22.31
CA VAL F 95 20.35 4.50 -22.24
C VAL F 95 19.61 4.80 -20.94
N ARG F 96 20.16 5.72 -20.16
CA ARG F 96 19.62 6.05 -18.83
C ARG F 96 18.30 6.82 -18.91
N HIS F 97 17.42 6.54 -17.95
CA HIS F 97 16.09 7.16 -17.91
C HIS F 97 15.51 7.14 -16.52
N ARG F 98 14.55 8.03 -16.28
CA ARG F 98 13.84 8.10 -15.02
C ARG F 98 12.41 8.56 -15.26
N ALA F 99 11.55 8.35 -14.27
CA ALA F 99 10.13 8.65 -14.45
C ALA F 99 9.48 9.02 -13.14
N ARG F 100 8.36 9.73 -13.23
CA ARG F 100 7.53 10.02 -12.08
C ARG F 100 6.08 10.17 -12.49
N THR F 101 5.19 9.89 -11.55
CA THR F 101 3.77 10.03 -11.76
C THR F 101 3.28 11.21 -10.95
N PHE F 102 2.08 11.67 -11.30
CA PHE F 102 1.43 12.75 -10.55
C PHE F 102 0.28 12.17 -9.72
N GLU F 103 -0.78 12.95 -9.47
CA GLU F 103 -1.83 12.53 -8.55
C GLU F 103 -2.71 11.37 -9.05
N ASP F 104 -2.72 11.15 -10.37
CA ASP F 104 -3.57 10.13 -10.99
C ASP F 104 -2.92 8.75 -11.08
N GLY F 105 -1.59 8.71 -11.05
CA GLY F 105 -0.85 7.47 -11.33
C GLY F 105 -0.99 7.07 -12.79
N CYS F 106 -0.61 5.84 -13.10
CA CYS F 106 -0.65 5.39 -14.48
C CYS F 106 -0.60 3.90 -14.68
N LEU F 107 -0.95 3.48 -15.89
CA LEU F 107 -0.71 2.11 -16.34
C LEU F 107 0.05 2.24 -17.65
N VAL F 108 1.23 1.63 -17.69
CA VAL F 108 2.04 1.67 -18.90
C VAL F 108 2.44 0.25 -19.25
N LEU F 109 2.40 -0.04 -20.54
CA LEU F 109 2.84 -1.33 -21.06
C LEU F 109 4.29 -1.21 -21.44
N ASP F 110 5.16 -1.93 -20.73
CA ASP F 110 6.58 -2.00 -21.09
C ASP F 110 6.85 -3.26 -21.90
N ILE F 111 7.72 -3.12 -22.89
CA ILE F 111 8.10 -4.23 -23.76
C ILE F 111 9.61 -4.35 -23.75
N PHE F 112 10.11 -5.54 -23.45
CA PHE F 112 11.57 -5.80 -23.44
C PHE F 112 11.97 -6.88 -24.42
N SER F 113 13.11 -6.67 -25.06
CA SER F 113 13.75 -7.71 -25.87
C SER F 113 15.27 -7.61 -25.70
N PRO F 114 15.92 -8.71 -25.26
CA PRO F 114 15.27 -9.97 -24.85
C PRO F 114 14.55 -9.81 -23.50
N PRO F 115 13.82 -10.86 -23.04
CA PRO F 115 13.12 -10.73 -21.77
C PRO F 115 14.08 -10.43 -20.63
N ARG F 116 13.54 -9.83 -19.57
CA ARG F 116 14.31 -9.52 -18.37
C ARG F 116 14.24 -10.72 -17.45
N GLU F 117 15.42 -11.24 -17.09
CA GLU F 117 15.53 -12.45 -16.30
C GLU F 117 14.94 -12.27 -14.89
N ASP F 118 15.14 -11.09 -14.30
CA ASP F 118 14.63 -10.83 -12.95
C ASP F 118 13.10 -10.93 -12.90
N TYR F 119 12.44 -10.36 -13.90
CA TYR F 119 10.98 -10.37 -13.95
C TYR F 119 10.40 -11.74 -14.29
N ALA F 120 11.13 -12.52 -15.07
CA ALA F 120 10.72 -13.90 -15.38
C ALA F 120 10.65 -14.74 -14.11
N ARG F 121 11.63 -14.57 -13.23
CA ARG F 121 11.67 -15.26 -11.94
C ARG F 121 10.51 -14.84 -11.03
N MSE F 122 10.28 -13.55 -10.93
CA MSE F 122 9.19 -13.01 -10.09
C MSE F 122 7.82 -13.43 -10.62
O MSE F 122 6.91 -13.71 -9.83
CB MSE F 122 9.27 -11.50 -9.99
CG MSE F 122 10.52 -10.99 -9.39
SE MSE F 122 10.52 -9.06 -9.33
CE MSE F 122 12.31 -8.83 -8.61
N ALA F 123 7.68 -13.42 -11.94
CA ALA F 123 6.45 -13.85 -12.61
C ALA F 123 6.14 -15.34 -12.37
N GLU F 124 7.18 -16.18 -12.39
CA GLU F 124 7.02 -17.61 -12.11
C GLU F 124 6.61 -17.88 -10.66
N ASP F 125 7.14 -17.08 -9.74
CA ASP F 125 6.92 -17.26 -8.30
C ASP F 125 5.86 -16.33 -7.69
N ALA F 126 5.17 -15.55 -8.54
CA ALA F 126 4.26 -14.51 -8.09
C ALA F 126 3.16 -14.98 -7.11
N PHE G 12 -35.94 3.47 -7.03
CA PHE G 12 -35.68 2.78 -8.32
C PHE G 12 -34.94 1.46 -8.09
N ALA G 13 -34.91 0.59 -9.09
CA ALA G 13 -34.23 -0.70 -8.98
C ALA G 13 -32.73 -0.57 -9.30
N PRO G 14 -31.87 -1.27 -8.53
CA PRO G 14 -30.44 -1.23 -8.91
C PRO G 14 -30.27 -1.88 -10.27
N ALA G 15 -29.33 -1.37 -11.06
CA ALA G 15 -29.16 -1.83 -12.43
C ALA G 15 -27.71 -1.84 -12.88
N PHE G 16 -27.36 -2.82 -13.71
CA PHE G 16 -26.08 -2.87 -14.40
C PHE G 16 -26.32 -2.52 -15.86
N TYR G 17 -25.39 -1.80 -16.47
CA TYR G 17 -25.55 -1.38 -17.85
C TYR G 17 -24.35 -1.77 -18.69
N ASP G 18 -24.63 -2.23 -19.91
CA ASP G 18 -23.60 -2.41 -20.91
C ASP G 18 -23.88 -1.39 -22.01
N LEU G 19 -22.92 -0.49 -22.27
CA LEU G 19 -23.12 0.60 -23.22
C LEU G 19 -23.36 0.17 -24.67
N THR G 20 -22.84 -0.99 -25.06
CA THR G 20 -23.14 -1.55 -26.38
C THR G 20 -24.63 -1.92 -26.52
N GLU G 21 -25.34 -1.95 -25.40
CA GLU G 21 -26.76 -2.30 -25.39
C GLU G 21 -27.67 -1.09 -25.20
N VAL G 22 -27.12 0.06 -24.79
CA VAL G 22 -27.94 1.24 -24.59
C VAL G 22 -28.07 1.97 -25.93
N ARG G 23 -29.31 2.13 -26.40
CA ARG G 23 -29.55 2.78 -27.69
C ARG G 23 -29.23 4.27 -27.61
N SER G 24 -28.80 4.84 -28.73
CA SER G 24 -28.44 6.25 -28.74
C SER G 24 -29.53 7.08 -29.40
N PHE G 25 -29.59 8.35 -29.02
CA PHE G 25 -30.49 9.30 -29.65
C PHE G 25 -29.65 10.50 -30.07
N SER G 26 -30.18 11.31 -30.97
CA SER G 26 -29.49 12.50 -31.44
C SER G 26 -30.38 13.74 -31.29
N PRO G 27 -30.04 14.63 -30.34
CA PRO G 27 -30.79 15.89 -30.12
C PRO G 27 -30.49 16.96 -31.19
N LEU G 28 -29.38 16.80 -31.88
CA LEU G 28 -28.86 17.81 -32.79
C LEU G 28 -27.87 17.11 -33.72
N PRO G 29 -27.82 17.52 -35.01
CA PRO G 29 -26.87 16.88 -35.93
C PRO G 29 -25.43 16.93 -35.41
N GLY G 30 -24.72 15.79 -35.47
CA GLY G 30 -23.34 15.71 -34.99
C GLY G 30 -23.19 15.21 -33.55
N PHE G 31 -24.32 15.01 -32.86
CA PHE G 31 -24.34 14.54 -31.46
C PHE G 31 -25.06 13.20 -31.36
N ALA G 32 -24.42 12.24 -30.71
CA ALA G 32 -25.02 10.94 -30.42
C ALA G 32 -24.91 10.72 -28.93
N MSE G 33 -26.03 10.41 -28.29
CA MSE G 33 -26.07 10.35 -26.83
C MSE G 33 -26.65 9.02 -26.36
O MSE G 33 -27.57 8.49 -26.97
CB MSE G 33 -26.93 11.49 -26.27
CG MSE G 33 -26.41 12.87 -26.60
SE MSE G 33 -27.47 14.24 -25.74
CE MSE G 33 -26.23 15.70 -26.02
N GLN G 34 -26.10 8.50 -25.26
CA GLN G 34 -26.69 7.38 -24.54
C GLN G 34 -26.89 7.82 -23.10
N ALA G 35 -28.12 7.78 -22.62
CA ALA G 35 -28.40 8.25 -21.27
C ALA G 35 -29.04 7.17 -20.43
N ILE G 36 -28.59 7.07 -19.18
CA ILE G 36 -29.23 6.22 -18.18
C ILE G 36 -29.48 7.07 -16.92
N GLN G 37 -30.38 6.64 -16.07
CA GLN G 37 -30.61 7.35 -14.82
C GLN G 37 -30.95 6.45 -13.65
N GLY G 38 -30.71 6.96 -12.46
CA GLY G 38 -31.23 6.33 -11.25
C GLY G 38 -32.49 7.07 -10.87
N LYS G 39 -32.36 8.00 -9.93
CA LYS G 39 -33.45 8.90 -9.56
C LYS G 39 -32.88 10.32 -9.56
N ASN G 40 -31.89 10.58 -8.71
CA ASN G 40 -31.23 11.88 -8.64
C ASN G 40 -30.19 12.08 -9.73
N LEU G 41 -29.64 10.98 -10.24
CA LEU G 41 -28.49 11.02 -11.14
C LEU G 41 -28.83 10.58 -12.56
N MSE G 42 -28.32 11.32 -13.53
CA MSE G 42 -28.34 10.89 -14.93
C MSE G 42 -26.92 10.88 -15.47
O MSE G 42 -26.14 11.82 -15.26
CB MSE G 42 -29.22 11.82 -15.78
CG MSE G 42 -28.96 11.68 -17.28
SE MSE G 42 -30.08 12.81 -18.36
CE MSE G 42 -31.68 11.70 -18.46
N LEU G 43 -26.56 9.79 -16.15
CA LEU G 43 -25.26 9.67 -16.82
C LEU G 43 -25.52 9.66 -18.32
N ASN G 44 -24.77 10.47 -19.06
CA ASN G 44 -25.00 10.68 -20.48
C ASN G 44 -23.68 10.65 -21.26
N TRP G 45 -23.47 9.59 -22.05
CA TRP G 45 -22.30 9.48 -22.92
C TRP G 45 -22.58 10.17 -24.20
N VAL G 46 -21.80 11.22 -24.48
CA VAL G 46 -22.02 12.08 -25.64
C VAL G 46 -20.87 11.93 -26.63
N ARG G 47 -21.20 11.43 -27.82
CA ARG G 47 -20.25 11.26 -28.92
C ARG G 47 -20.44 12.43 -29.85
N ILE G 48 -19.41 13.26 -29.98
CA ILE G 48 -19.52 14.45 -30.82
C ILE G 48 -18.63 14.32 -32.06
N GLU G 49 -19.24 14.51 -33.23
N GLU G 49 -19.24 14.50 -33.23
CA GLU G 49 -18.53 14.43 -34.50
CA GLU G 49 -18.55 14.44 -34.52
C GLU G 49 -17.48 15.54 -34.63
C GLU G 49 -17.47 15.53 -34.62
N PRO G 50 -16.49 15.35 -35.53
CA PRO G 50 -15.50 16.41 -35.77
C PRO G 50 -16.11 17.74 -36.19
N ASN G 51 -15.42 18.83 -35.82
CA ASN G 51 -15.77 20.19 -36.29
C ASN G 51 -17.24 20.53 -36.09
N THR G 52 -17.73 20.27 -34.88
CA THR G 52 -19.13 20.45 -34.57
C THR G 52 -19.27 21.39 -33.38
N GLU G 53 -20.28 22.25 -33.43
CA GLU G 53 -20.53 23.20 -32.35
C GLU G 53 -21.72 22.78 -31.50
N MSE G 54 -21.58 23.00 -30.20
N MSE G 54 -21.60 22.96 -30.19
CA MSE G 54 -22.67 22.89 -29.25
CA MSE G 54 -22.75 22.84 -29.30
C MSE G 54 -23.07 24.33 -28.91
C MSE G 54 -23.13 24.26 -28.87
O MSE G 54 -22.33 25.02 -28.21
O MSE G 54 -22.41 24.87 -28.07
CB MSE G 54 -22.19 22.17 -27.99
CB MSE G 54 -22.46 21.96 -28.09
CG MSE G 54 -23.28 21.84 -26.98
CG MSE G 54 -23.43 22.12 -26.90
SE MSE G 54 -22.57 20.92 -25.40
SE MSE G 54 -25.30 21.62 -27.21
CE MSE G 54 -21.92 22.45 -24.38
CE MSE G 54 -25.21 19.70 -26.92
N PRO G 55 -24.24 24.78 -29.42
CA PRO G 55 -24.73 26.16 -29.16
C PRO G 55 -24.84 26.45 -27.67
N ALA G 56 -24.68 27.72 -27.30
CA ALA G 56 -24.77 28.17 -25.91
C ALA G 56 -26.10 27.81 -25.26
N HIS G 57 -26.02 27.29 -24.03
CA HIS G 57 -27.21 26.95 -23.25
C HIS G 57 -26.95 27.14 -21.78
N GLU G 58 -28.03 27.21 -21.02
CA GLU G 58 -27.97 27.09 -19.56
C GLU G 58 -29.14 26.23 -19.08
N HIS G 59 -28.99 25.59 -17.93
CA HIS G 59 -29.98 24.64 -17.40
C HIS G 59 -30.02 24.75 -15.91
N PRO G 60 -31.22 24.58 -15.30
CA PRO G 60 -31.28 24.67 -13.84
C PRO G 60 -30.62 23.45 -13.16
N HIS G 61 -30.48 22.35 -13.92
CA HIS G 61 -29.83 21.14 -13.44
C HIS G 61 -28.37 21.37 -13.26
N GLU G 62 -27.80 20.79 -12.22
CA GLU G 62 -26.35 20.78 -12.05
C GLU G 62 -25.72 19.79 -13.01
N GLN G 63 -24.55 20.14 -13.54
CA GLN G 63 -23.82 19.29 -14.47
C GLN G 63 -22.36 19.11 -14.08
N ALA G 64 -21.82 17.94 -14.35
CA ALA G 64 -20.38 17.71 -14.33
C ALA G 64 -20.04 16.85 -15.54
N GLY G 65 -18.78 16.91 -15.98
CA GLY G 65 -18.35 16.18 -17.16
C GLY G 65 -16.96 15.61 -17.00
N VAL G 66 -16.72 14.49 -17.69
CA VAL G 66 -15.42 13.80 -17.69
C VAL G 66 -15.05 13.45 -19.13
N MSE G 67 -13.88 13.93 -19.57
CA MSE G 67 -13.40 13.64 -20.92
C MSE G 67 -13.00 12.17 -21.02
O MSE G 67 -12.23 11.67 -20.18
CB MSE G 67 -12.21 14.52 -21.30
CG MSE G 67 -12.53 16.00 -21.57
SE MSE G 67 -13.84 16.29 -22.97
CE MSE G 67 -12.84 15.57 -24.49
N LEU G 68 -13.53 11.47 -22.03
CA LEU G 68 -13.20 10.06 -22.25
C LEU G 68 -12.28 9.83 -23.45
N GLU G 69 -12.56 10.50 -24.56
CA GLU G 69 -11.80 10.34 -25.80
C GLU G 69 -11.75 11.68 -26.52
N GLY G 70 -10.68 11.92 -27.27
CA GLY G 70 -10.60 13.07 -28.16
C GLY G 70 -10.42 14.41 -27.47
N THR G 71 -11.01 15.44 -28.08
CA THR G 71 -10.72 16.83 -27.73
C THR G 71 -11.98 17.67 -27.78
N LEU G 72 -12.15 18.53 -26.78
CA LEU G 72 -13.30 19.43 -26.71
C LEU G 72 -12.92 20.79 -26.14
N GLU G 73 -13.22 21.84 -26.88
N GLU G 73 -13.19 21.83 -26.90
CA GLU G 73 -13.07 23.20 -26.35
CA GLU G 73 -13.12 23.19 -26.39
C GLU G 73 -14.37 23.65 -25.70
C GLU G 73 -14.42 23.50 -25.67
N LEU G 74 -14.35 23.74 -24.36
CA LEU G 74 -15.55 24.00 -23.56
C LEU G 74 -15.46 25.37 -22.89
N THR G 75 -16.50 26.17 -23.10
CA THR G 75 -16.66 27.45 -22.42
C THR G 75 -17.67 27.29 -21.29
N ILE G 76 -17.28 27.67 -20.08
CA ILE G 76 -18.17 27.70 -18.93
C ILE G 76 -18.15 29.13 -18.40
N GLY G 77 -19.28 29.82 -18.48
CA GLY G 77 -19.34 31.25 -18.16
C GLY G 77 -18.39 32.01 -19.08
N GLU G 78 -17.39 32.66 -18.50
CA GLU G 78 -16.44 33.45 -19.29
C GLU G 78 -15.05 32.82 -19.43
N GLU G 79 -14.91 31.55 -19.02
CA GLU G 79 -13.65 30.82 -19.21
C GLU G 79 -13.78 29.68 -20.22
N THR G 80 -12.80 29.58 -21.11
CA THR G 80 -12.75 28.51 -22.10
C THR G 80 -11.43 27.77 -21.99
N ARG G 81 -11.50 26.44 -22.03
N ARG G 81 -11.48 26.44 -22.00
CA ARG G 81 -10.33 25.57 -22.04
CA ARG G 81 -10.27 25.63 -22.12
C ARG G 81 -10.49 24.45 -23.07
C ARG G 81 -10.48 24.46 -23.06
N VAL G 82 -9.38 24.04 -23.68
CA VAL G 82 -9.38 22.87 -24.56
C VAL G 82 -9.16 21.64 -23.69
N LEU G 83 -10.11 20.70 -23.74
CA LEU G 83 -10.10 19.59 -22.80
C LEU G 83 -9.79 18.28 -23.51
N ARG G 84 -9.09 17.40 -22.79
CA ARG G 84 -8.72 16.07 -23.28
C ARG G 84 -8.86 15.07 -22.13
N PRO G 85 -8.82 13.75 -22.44
CA PRO G 85 -8.88 12.79 -21.34
C PRO G 85 -7.86 13.12 -20.26
N GLY G 86 -8.29 13.04 -19.02
CA GLY G 86 -7.52 13.56 -17.91
C GLY G 86 -8.10 14.84 -17.31
N MSE G 87 -9.04 15.45 -18.03
N MSE G 87 -9.06 15.44 -18.02
CA MSE G 87 -9.74 16.66 -17.58
CA MSE G 87 -9.74 16.66 -17.56
C MSE G 87 -11.19 16.37 -17.19
C MSE G 87 -11.19 16.37 -17.19
O MSE G 87 -11.79 15.41 -17.68
O MSE G 87 -11.80 15.42 -17.70
CB MSE G 87 -9.75 17.73 -18.69
CB MSE G 87 -9.72 17.73 -18.66
CG MSE G 87 -8.38 18.16 -19.20
CG MSE G 87 -8.35 17.94 -19.29
SE MSE G 87 -7.28 18.83 -17.76
SE MSE G 87 -7.24 19.13 -18.27
CE MSE G 87 -8.23 20.51 -17.47
CE MSE G 87 -7.29 20.66 -19.50
N ALA G 88 -11.73 17.20 -16.30
CA ALA G 88 -13.13 17.13 -15.90
C ALA G 88 -13.59 18.56 -15.61
N TYR G 89 -14.90 18.74 -15.43
CA TYR G 89 -15.48 20.07 -15.19
C TYR G 89 -16.78 20.00 -14.42
N THR G 90 -17.13 21.10 -13.77
CA THR G 90 -18.40 21.22 -13.07
C THR G 90 -19.09 22.51 -13.49
N ILE G 91 -20.40 22.44 -13.67
CA ILE G 91 -21.22 23.57 -14.12
C ILE G 91 -22.44 23.70 -13.21
N PRO G 92 -22.46 24.74 -12.37
CA PRO G 92 -23.63 25.02 -11.51
C PRO G 92 -24.86 25.32 -12.36
N GLY G 93 -26.04 25.01 -11.83
CA GLY G 93 -27.30 25.35 -12.49
C GLY G 93 -27.32 26.83 -12.85
N GLY G 94 -27.77 27.13 -14.07
CA GLY G 94 -27.91 28.51 -14.51
C GLY G 94 -26.70 29.13 -15.15
N VAL G 95 -25.57 28.42 -15.13
CA VAL G 95 -24.33 28.94 -15.71
C VAL G 95 -24.27 28.57 -17.19
N ARG G 96 -24.06 29.59 -18.03
CA ARG G 96 -24.05 29.42 -19.49
C ARG G 96 -22.81 28.65 -19.93
N HIS G 97 -22.99 27.82 -20.95
CA HIS G 97 -21.86 27.08 -21.53
C HIS G 97 -22.07 26.73 -22.97
N ARG G 98 -20.95 26.58 -23.68
CA ARG G 98 -20.97 26.19 -25.09
C ARG G 98 -19.68 25.41 -25.36
N ALA G 99 -19.64 24.73 -26.49
CA ALA G 99 -18.50 23.86 -26.80
C ALA G 99 -18.35 23.67 -28.30
N ARG G 100 -17.16 23.23 -28.71
CA ARG G 100 -16.95 22.78 -30.08
C ARG G 100 -15.85 21.74 -30.13
N THR G 101 -15.88 20.92 -31.18
CA THR G 101 -14.84 19.94 -31.45
C THR G 101 -13.99 20.37 -32.65
N PHE G 102 -12.84 19.72 -32.80
CA PHE G 102 -11.93 19.94 -33.92
C PHE G 102 -11.89 18.68 -34.78
N GLU G 103 -10.74 18.34 -35.36
CA GLU G 103 -10.70 17.27 -36.37
C GLU G 103 -10.96 15.84 -35.83
N ASP G 104 -10.73 15.62 -34.53
CA ASP G 104 -10.84 14.28 -33.94
C ASP G 104 -12.22 13.95 -33.33
N GLY G 105 -13.04 14.97 -33.11
CA GLY G 105 -14.29 14.79 -32.35
C GLY G 105 -13.98 14.40 -30.92
N CYS G 106 -15.00 13.95 -30.19
CA CYS G 106 -14.80 13.55 -28.80
C CYS G 106 -15.87 12.62 -28.26
N LEU G 107 -15.53 12.04 -27.12
CA LEU G 107 -16.48 11.33 -26.28
C LEU G 107 -16.36 11.90 -24.89
N VAL G 108 -17.47 12.41 -24.36
CA VAL G 108 -17.46 13.00 -23.03
C VAL G 108 -18.60 12.39 -22.20
N LEU G 109 -18.33 12.10 -20.92
CA LEU G 109 -19.38 11.67 -20.01
C LEU G 109 -19.95 12.88 -19.26
N ASP G 110 -21.21 13.22 -19.54
CA ASP G 110 -21.93 14.27 -18.83
C ASP G 110 -22.81 13.65 -17.74
N ILE G 111 -22.83 14.30 -16.59
CA ILE G 111 -23.58 13.81 -15.43
C ILE G 111 -24.49 14.96 -15.00
N PHE G 112 -25.76 14.63 -14.78
CA PHE G 112 -26.76 15.63 -14.42
C PHE G 112 -27.46 15.25 -13.12
N SER G 113 -27.76 16.27 -12.32
CA SER G 113 -28.60 16.10 -11.12
C SER G 113 -29.43 17.37 -10.92
N PRO G 114 -30.76 17.24 -10.91
CA PRO G 114 -31.51 16.01 -11.21
C PRO G 114 -31.43 15.71 -12.72
N PRO G 115 -31.99 14.57 -13.17
CA PRO G 115 -31.95 14.22 -14.59
C PRO G 115 -32.62 15.26 -15.49
N ARG G 116 -32.10 15.40 -16.71
CA ARG G 116 -32.71 16.29 -17.70
C ARG G 116 -33.93 15.64 -18.34
N GLU G 117 -35.07 16.32 -18.19
CA GLU G 117 -36.35 15.81 -18.66
C GLU G 117 -36.37 15.56 -20.17
N ASP G 118 -35.69 16.43 -20.93
CA ASP G 118 -35.65 16.26 -22.38
C ASP G 118 -34.86 15.01 -22.79
N TYR G 119 -33.69 14.80 -22.17
CA TYR G 119 -32.86 13.64 -22.45
C TYR G 119 -33.52 12.33 -21.97
N ALA G 120 -34.18 12.39 -20.82
CA ALA G 120 -34.91 11.24 -20.27
C ALA G 120 -35.99 10.75 -21.24
N ARG G 121 -36.75 11.68 -21.80
CA ARG G 121 -37.79 11.34 -22.77
C ARG G 121 -37.20 10.76 -24.06
N MSE G 122 -36.13 11.37 -24.55
CA MSE G 122 -35.47 10.89 -25.76
C MSE G 122 -34.84 9.52 -25.55
O MSE G 122 -34.89 8.68 -26.44
CB MSE G 122 -34.44 11.90 -26.29
CG MSE G 122 -35.05 13.23 -26.72
SE MSE G 122 -33.65 14.50 -27.21
CE MSE G 122 -33.87 14.37 -29.14
N ALA G 123 -34.23 9.30 -24.37
CA ALA G 123 -33.66 7.99 -24.01
C ALA G 123 -34.71 6.90 -23.93
N GLU G 124 -35.86 7.24 -23.34
CA GLU G 124 -36.99 6.31 -23.23
C GLU G 124 -37.53 5.92 -24.60
N ASP G 125 -37.50 6.86 -25.54
CA ASP G 125 -37.99 6.68 -26.91
C ASP G 125 -36.91 6.11 -27.86
N ALA G 126 -35.67 6.03 -27.38
CA ALA G 126 -34.59 5.50 -28.19
C ALA G 126 -34.72 4.00 -28.41
N PHE H 12 -22.51 27.06 -6.40
CA PHE H 12 -21.02 26.95 -6.31
C PHE H 12 -20.33 27.66 -7.49
N ALA H 13 -18.99 27.67 -7.47
CA ALA H 13 -18.23 28.28 -8.56
C ALA H 13 -17.90 27.24 -9.64
N PRO H 14 -18.16 27.57 -10.91
CA PRO H 14 -17.82 26.64 -12.00
C PRO H 14 -16.32 26.39 -12.06
N ALA H 15 -15.91 25.21 -12.51
CA ALA H 15 -14.49 24.87 -12.48
C ALA H 15 -14.08 23.82 -13.51
N PHE H 16 -12.83 23.92 -13.94
CA PHE H 16 -12.14 22.91 -14.74
C PHE H 16 -11.17 22.18 -13.82
N TYR H 17 -11.04 20.87 -13.98
CA TYR H 17 -10.16 20.08 -13.12
C TYR H 17 -9.22 19.24 -13.95
N ASP H 18 -7.97 19.18 -13.51
CA ASP H 18 -6.93 18.37 -14.14
C ASP H 18 -6.59 17.22 -13.19
N LEU H 19 -6.82 15.99 -13.64
CA LEU H 19 -6.59 14.83 -12.76
C LEU H 19 -5.13 14.52 -12.44
N THR H 20 -4.20 15.23 -13.07
CA THR H 20 -2.81 15.18 -12.59
C THR H 20 -2.63 16.02 -11.34
N GLU H 21 -3.57 16.92 -11.06
CA GLU H 21 -3.45 17.88 -9.96
C GLU H 21 -4.40 17.65 -8.78
N VAL H 22 -5.58 17.10 -9.04
CA VAL H 22 -6.54 16.84 -7.96
C VAL H 22 -5.90 15.87 -6.94
N ARG H 23 -5.86 16.29 -5.68
CA ARG H 23 -5.11 15.57 -4.65
C ARG H 23 -5.64 14.17 -4.39
N SER H 24 -4.73 13.20 -4.48
CA SER H 24 -5.05 11.81 -4.20
C SER H 24 -5.03 11.57 -2.70
N PHE H 25 -6.05 10.89 -2.18
CA PHE H 25 -6.06 10.46 -0.78
C PHE H 25 -6.39 8.98 -0.70
N SER H 26 -5.91 8.33 0.36
CA SER H 26 -6.16 6.91 0.56
C SER H 26 -6.96 6.70 1.85
N PRO H 27 -8.25 6.35 1.72
CA PRO H 27 -9.09 6.12 2.89
C PRO H 27 -8.87 4.73 3.50
N LEU H 28 -8.19 3.86 2.75
CA LEU H 28 -8.07 2.45 3.09
C LEU H 28 -6.93 1.87 2.24
N PRO H 29 -6.15 0.95 2.81
CA PRO H 29 -5.12 0.27 2.00
C PRO H 29 -5.73 -0.36 0.75
N GLY H 30 -5.02 -0.23 -0.38
CA GLY H 30 -5.50 -0.76 -1.64
C GLY H 30 -6.35 0.21 -2.44
N PHE H 31 -6.73 1.34 -1.82
CA PHE H 31 -7.57 2.36 -2.47
C PHE H 31 -6.87 3.72 -2.53
N ALA H 32 -6.89 4.33 -3.70
CA ALA H 32 -6.49 5.73 -3.87
C ALA H 32 -7.62 6.47 -4.58
N MSE H 33 -7.97 7.65 -4.07
CA MSE H 33 -9.13 8.40 -4.57
C MSE H 33 -8.81 9.86 -4.87
O MSE H 33 -7.99 10.48 -4.19
CB MSE H 33 -10.26 8.41 -3.53
CG MSE H 33 -10.83 7.06 -3.21
SE MSE H 33 -12.24 7.28 -1.90
CE MSE H 33 -13.20 5.64 -2.30
N GLN H 34 -9.49 10.40 -5.88
CA GLN H 34 -9.53 11.82 -6.14
C GLN H 34 -10.98 12.22 -6.28
N ALA H 35 -11.38 13.22 -5.51
CA ALA H 35 -12.79 13.62 -5.46
C ALA H 35 -12.95 15.08 -5.82
N ILE H 36 -13.97 15.36 -6.62
CA ILE H 36 -14.40 16.74 -6.89
C ILE H 36 -15.90 16.81 -6.63
N GLN H 37 -16.41 18.02 -6.40
CA GLN H 37 -17.85 18.17 -6.14
C GLN H 37 -18.39 19.52 -6.57
N GLY H 38 -19.68 19.54 -6.90
CA GLY H 38 -20.46 20.78 -6.99
C GLY H 38 -21.31 20.88 -5.75
N LYS H 39 -22.58 21.25 -5.91
CA LYS H 39 -23.49 21.32 -4.78
C LYS H 39 -24.16 19.95 -4.59
N ASN H 40 -24.76 19.43 -5.65
CA ASN H 40 -25.52 18.19 -5.60
C ASN H 40 -24.72 16.95 -6.04
N LEU H 41 -23.62 17.18 -6.76
CA LEU H 41 -22.86 16.10 -7.40
C LEU H 41 -21.45 15.94 -6.85
N MSE H 42 -21.04 14.70 -6.66
CA MSE H 42 -19.64 14.41 -6.36
C MSE H 42 -19.12 13.32 -7.30
O MSE H 42 -19.80 12.33 -7.55
CB MSE H 42 -19.44 13.99 -4.91
CG MSE H 42 -18.05 13.42 -4.62
SE MSE H 42 -17.80 12.86 -2.78
CE MSE H 42 -17.42 14.61 -2.02
N LEU H 43 -17.92 13.54 -7.82
CA LEU H 43 -17.24 12.59 -8.68
C LEU H 43 -16.01 12.08 -7.98
N ASN H 44 -15.82 10.77 -8.02
CA ASN H 44 -14.70 10.16 -7.31
C ASN H 44 -13.98 9.16 -8.19
N TRP H 45 -12.71 9.44 -8.50
CA TRP H 45 -11.86 8.49 -9.24
C TRP H 45 -11.22 7.55 -8.28
N VAL H 46 -11.66 6.30 -8.32
CA VAL H 46 -11.22 5.31 -7.33
C VAL H 46 -10.28 4.29 -7.96
N ARG H 47 -9.01 4.35 -7.58
CA ARG H 47 -7.99 3.44 -8.07
C ARG H 47 -7.91 2.28 -7.07
N ILE H 48 -8.30 1.08 -7.51
CA ILE H 48 -8.30 -0.08 -6.61
C ILE H 48 -7.17 -1.05 -6.96
N GLU H 49 -6.34 -1.38 -5.97
CA GLU H 49 -5.21 -2.27 -6.19
C GLU H 49 -5.66 -3.70 -6.52
N PRO H 50 -4.77 -4.50 -7.14
CA PRO H 50 -5.11 -5.88 -7.46
C PRO H 50 -5.51 -6.69 -6.24
N ASN H 51 -6.43 -7.64 -6.45
CA ASN H 51 -6.79 -8.64 -5.44
C ASN H 51 -7.27 -8.02 -4.15
N THR H 52 -8.14 -7.02 -4.26
CA THR H 52 -8.64 -6.30 -3.08
C THR H 52 -10.12 -6.59 -2.90
N GLU H 53 -10.51 -6.83 -1.65
CA GLU H 53 -11.90 -7.02 -1.26
C GLU H 53 -12.39 -5.78 -0.54
N MSE H 54 -13.51 -5.23 -0.98
N MSE H 54 -13.51 -5.20 -0.98
CA MSE H 54 -14.23 -4.22 -0.24
CA MSE H 54 -14.17 -4.20 -0.17
C MSE H 54 -15.47 -4.87 0.39
C MSE H 54 -15.48 -4.76 0.39
O MSE H 54 -16.32 -5.38 -0.34
O MSE H 54 -16.39 -5.09 -0.38
CB MSE H 54 -14.63 -3.04 -1.13
CB MSE H 54 -14.42 -2.89 -0.93
CG MSE H 54 -15.39 -1.96 -0.38
CG MSE H 54 -15.15 -3.03 -2.25
SE MSE H 54 -15.66 -0.36 -1.47
SE MSE H 54 -14.00 -2.53 -3.74
CE MSE H 54 -16.69 -1.15 -2.94
CE MSE H 54 -12.64 -3.92 -3.57
N PRO H 55 -15.56 -4.87 1.73
CA PRO H 55 -16.68 -5.50 2.45
C PRO H 55 -18.03 -4.83 2.19
N ALA H 56 -19.10 -5.59 2.38
CA ALA H 56 -20.46 -5.12 2.19
C ALA H 56 -20.71 -3.83 2.98
N HIS H 57 -21.17 -2.81 2.28
CA HIS H 57 -21.51 -1.53 2.90
C HIS H 57 -22.70 -0.88 2.22
N GLU H 58 -23.25 0.14 2.86
CA GLU H 58 -24.42 0.85 2.34
C GLU H 58 -24.41 2.33 2.74
N HIS H 59 -24.89 3.18 1.84
CA HIS H 59 -24.99 4.61 2.10
C HIS H 59 -26.36 5.10 1.76
N PRO H 60 -26.86 6.09 2.51
CA PRO H 60 -28.16 6.71 2.17
C PRO H 60 -28.09 7.50 0.86
N HIS H 61 -26.88 7.80 0.39
CA HIS H 61 -26.67 8.47 -0.90
C HIS H 61 -26.97 7.56 -2.06
N GLU H 62 -27.64 8.10 -3.07
CA GLU H 62 -27.73 7.43 -4.37
C GLU H 62 -26.32 7.44 -4.95
N GLN H 63 -25.95 6.33 -5.60
CA GLN H 63 -24.63 6.22 -6.21
C GLN H 63 -24.75 5.66 -7.62
N ALA H 64 -23.77 6.03 -8.46
CA ALA H 64 -23.57 5.39 -9.75
C ALA H 64 -22.08 5.16 -9.94
N GLY H 65 -21.74 4.25 -10.85
CA GLY H 65 -20.34 3.96 -11.14
C GLY H 65 -20.11 3.72 -12.61
N VAL H 66 -18.93 4.10 -13.09
CA VAL H 66 -18.54 3.93 -14.48
C VAL H 66 -17.12 3.37 -14.50
N MSE H 67 -16.96 2.22 -15.13
CA MSE H 67 -15.66 1.59 -15.27
C MSE H 67 -14.76 2.40 -16.22
O MSE H 67 -15.17 2.71 -17.35
CB MSE H 67 -15.80 0.16 -15.77
CG MSE H 67 -16.45 -0.81 -14.78
SE MSE H 67 -15.46 -0.95 -13.09
CE MSE H 67 -13.79 -1.75 -13.70
N LEU H 68 -13.57 2.73 -15.77
CA LEU H 68 -12.59 3.43 -16.62
C LEU H 68 -11.42 2.56 -17.06
N GLU H 69 -10.95 1.69 -16.17
CA GLU H 69 -9.82 0.77 -16.48
C GLU H 69 -9.97 -0.50 -15.67
N GLY H 70 -9.48 -1.61 -16.23
CA GLY H 70 -9.39 -2.86 -15.49
C GLY H 70 -10.69 -3.59 -15.29
N THR H 71 -10.83 -4.24 -14.14
CA THR H 71 -11.92 -5.18 -13.90
C THR H 71 -12.35 -5.06 -12.46
N LEU H 72 -13.66 -5.12 -12.25
CA LEU H 72 -14.24 -5.09 -10.91
C LEU H 72 -15.40 -6.06 -10.85
N GLU H 73 -15.38 -6.97 -9.89
CA GLU H 73 -16.54 -7.80 -9.66
C GLU H 73 -17.42 -7.12 -8.62
N LEU H 74 -18.62 -6.72 -9.04
CA LEU H 74 -19.52 -5.99 -8.15
C LEU H 74 -20.76 -6.80 -7.82
N THR H 75 -21.06 -6.89 -6.52
CA THR H 75 -22.29 -7.50 -6.04
C THR H 75 -23.22 -6.42 -5.51
N ILE H 76 -24.37 -6.25 -6.14
CA ILE H 76 -25.42 -5.38 -5.62
C ILE H 76 -26.60 -6.26 -5.25
N GLY H 77 -27.01 -6.19 -3.98
CA GLY H 77 -28.03 -7.08 -3.45
C GLY H 77 -27.66 -8.52 -3.70
N GLU H 78 -28.49 -9.19 -4.52
CA GLU H 78 -28.32 -10.62 -4.82
C GLU H 78 -27.56 -10.86 -6.13
N GLU H 79 -27.29 -9.80 -6.90
CA GLU H 79 -26.70 -9.95 -8.22
C GLU H 79 -25.24 -9.53 -8.28
N THR H 80 -24.40 -10.42 -8.83
CA THR H 80 -22.96 -10.20 -9.00
C THR H 80 -22.62 -10.16 -10.49
N ARG H 81 -21.85 -9.15 -10.88
CA ARG H 81 -21.40 -9.01 -12.27
C ARG H 81 -19.93 -8.61 -12.31
N VAL H 82 -19.21 -9.17 -13.27
CA VAL H 82 -17.83 -8.77 -13.55
C VAL H 82 -17.91 -7.59 -14.52
N LEU H 83 -17.37 -6.44 -14.11
CA LEU H 83 -17.47 -5.22 -14.90
C LEU H 83 -16.13 -4.79 -15.51
N ARG H 84 -16.22 -4.23 -16.71
CA ARG H 84 -15.05 -3.76 -17.46
C ARG H 84 -15.42 -2.42 -18.12
N PRO H 85 -14.42 -1.66 -18.60
CA PRO H 85 -14.76 -0.43 -19.33
C PRO H 85 -15.80 -0.70 -20.44
N GLY H 86 -16.79 0.19 -20.53
CA GLY H 86 -17.96 -0.05 -21.36
C GLY H 86 -19.18 -0.34 -20.50
N MSE H 87 -18.95 -0.59 -19.21
CA MSE H 87 -20.07 -0.86 -18.29
C MSE H 87 -20.24 0.19 -17.20
O MSE H 87 -19.32 0.95 -16.91
CB MSE H 87 -19.96 -2.27 -17.69
CG MSE H 87 -20.00 -3.34 -18.77
SE MSE H 87 -19.88 -5.10 -18.04
CE MSE H 87 -21.74 -5.26 -17.47
N ALA H 88 -21.44 0.23 -16.63
CA ALA H 88 -21.82 1.19 -15.61
C ALA H 88 -22.87 0.57 -14.70
N TYR H 89 -23.15 1.22 -13.57
CA TYR H 89 -24.14 0.72 -12.63
C TYR H 89 -24.77 1.84 -11.83
N THR H 90 -26.00 1.61 -11.34
CA THR H 90 -26.71 2.55 -10.47
C THR H 90 -27.16 1.83 -9.20
N ILE H 91 -26.92 2.46 -8.05
CA ILE H 91 -27.30 1.90 -6.75
C ILE H 91 -28.16 2.89 -5.99
N PRO H 92 -29.41 2.51 -5.66
CA PRO H 92 -30.27 3.37 -4.85
C PRO H 92 -29.74 3.45 -3.42
N GLY H 93 -30.03 4.56 -2.74
CA GLY H 93 -29.64 4.73 -1.34
C GLY H 93 -30.13 3.58 -0.47
N GLY H 94 -29.28 3.12 0.43
CA GLY H 94 -29.65 2.05 1.37
C GLY H 94 -29.41 0.64 0.88
N VAL H 95 -29.20 0.47 -0.43
CA VAL H 95 -29.02 -0.85 -1.02
C VAL H 95 -27.58 -1.34 -0.82
N ARG H 96 -27.45 -2.54 -0.27
CA ARG H 96 -26.17 -3.12 0.13
C ARG H 96 -25.36 -3.58 -1.09
N HIS H 97 -24.06 -3.35 -1.05
CA HIS H 97 -23.16 -3.79 -2.12
C HIS H 97 -21.75 -4.05 -1.67
N ARG H 98 -21.05 -4.90 -2.40
CA ARG H 98 -19.64 -5.18 -2.17
C ARG H 98 -18.93 -5.47 -3.48
N ALA H 99 -17.60 -5.41 -3.45
CA ALA H 99 -16.82 -5.57 -4.66
C ALA H 99 -15.47 -6.22 -4.40
N ARG H 100 -14.87 -6.75 -5.45
CA ARG H 100 -13.50 -7.25 -5.38
C ARG H 100 -12.81 -7.07 -6.74
N THR H 101 -11.50 -6.85 -6.70
CA THR H 101 -10.68 -6.78 -7.91
C THR H 101 -9.94 -8.10 -8.11
N PHE H 102 -9.44 -8.31 -9.32
CA PHE H 102 -8.61 -9.47 -9.65
C PHE H 102 -7.15 -9.02 -9.80
N GLU H 103 -6.36 -9.72 -10.62
CA GLU H 103 -4.91 -9.44 -10.72
C GLU H 103 -4.55 -8.11 -11.36
N ASP H 104 -5.45 -7.55 -12.18
CA ASP H 104 -5.20 -6.28 -12.88
C ASP H 104 -5.54 -5.01 -12.09
N GLY H 105 -6.42 -5.14 -11.10
CA GLY H 105 -6.94 -3.97 -10.39
C GLY H 105 -7.87 -3.17 -11.30
N CYS H 106 -8.25 -1.96 -10.88
CA CYS H 106 -9.17 -1.16 -11.67
C CYS H 106 -9.12 0.32 -11.35
N LEU H 107 -9.73 1.10 -12.23
CA LEU H 107 -10.08 2.47 -11.97
C LEU H 107 -11.56 2.61 -12.28
N VAL H 108 -12.32 3.03 -11.27
CA VAL H 108 -13.75 3.22 -11.42
C VAL H 108 -14.13 4.64 -11.00
N LEU H 109 -15.01 5.26 -11.77
CA LEU H 109 -15.54 6.57 -11.45
C LEU H 109 -16.82 6.38 -10.64
N ASP H 110 -16.78 6.73 -9.37
CA ASP H 110 -17.96 6.71 -8.51
C ASP H 110 -18.62 8.09 -8.53
N ILE H 111 -19.95 8.11 -8.56
CA ILE H 111 -20.72 9.36 -8.61
C ILE H 111 -21.73 9.33 -7.48
N PHE H 112 -21.74 10.38 -6.65
CA PHE H 112 -22.68 10.47 -5.52
C PHE H 112 -23.56 11.70 -5.62
N SER H 113 -24.81 11.56 -5.19
CA SER H 113 -25.72 12.68 -5.01
C SER H 113 -26.63 12.37 -3.84
N PRO H 114 -26.55 13.16 -2.75
CA PRO H 114 -25.66 14.32 -2.54
C PRO H 114 -24.21 13.88 -2.32
N PRO H 115 -23.26 14.84 -2.28
CA PRO H 115 -21.85 14.47 -2.06
C PRO H 115 -21.65 13.79 -0.70
N ARG H 116 -20.68 12.90 -0.62
CA ARG H 116 -20.32 12.25 0.65
C ARG H 116 -19.39 13.15 1.45
N GLU H 117 -19.84 13.54 2.63
CA GLU H 117 -19.11 14.48 3.50
C GLU H 117 -17.76 13.94 3.97
N ASP H 118 -17.69 12.65 4.24
CA ASP H 118 -16.44 12.03 4.69
C ASP H 118 -15.35 12.11 3.61
N TYR H 119 -15.72 11.90 2.35
CA TYR H 119 -14.78 12.03 1.23
C TYR H 119 -14.40 13.48 0.96
N ALA H 120 -15.36 14.39 1.09
CA ALA H 120 -15.12 15.82 0.90
C ALA H 120 -14.09 16.34 1.89
N ARG H 121 -14.20 15.88 3.14
CA ARG H 121 -13.29 16.27 4.20
C ARG H 121 -11.89 15.71 3.95
N MSE H 122 -11.82 14.46 3.52
CA MSE H 122 -10.55 13.82 3.18
C MSE H 122 -9.89 14.48 1.97
O MSE H 122 -8.68 14.66 1.95
CB MSE H 122 -10.74 12.33 2.92
CG MSE H 122 -11.32 11.56 4.07
SE MSE H 122 -11.28 9.67 3.67
CE MSE H 122 -9.37 9.39 4.04
N ALA H 123 -10.70 14.82 0.97
CA ALA H 123 -10.22 15.51 -0.22
C ALA H 123 -9.70 16.91 0.11
N GLU H 124 -10.37 17.60 1.03
CA GLU H 124 -9.92 18.90 1.52
C GLU H 124 -8.62 18.80 2.33
N ASP H 125 -8.51 17.74 3.13
CA ASP H 125 -7.32 17.49 3.95
C ASP H 125 -6.16 16.89 3.16
N ALA H 126 -6.45 16.27 2.02
CA ALA H 126 -5.47 15.49 1.25
C ALA H 126 -4.17 16.24 0.94
NI NI I . -14.79 12.26 33.17
NI NI J . 30.55 -18.20 8.14
K K K . 16.33 -4.67 1.26
NI NI L . 12.40 2.61 -6.13
C ACT M . 9.19 2.99 -16.83
O ACT M . 10.43 3.19 -16.76
OXT ACT M . 8.60 2.86 -17.92
CH3 ACT M . 8.40 2.90 -15.56
NI NI N . -25.53 21.30 -20.78
K K O . -16.53 22.45 -7.90
#